data_4FPL
#
_entry.id   4FPL
#
_cell.length_a   76.278
_cell.length_b   82.548
_cell.length_c   116.858
_cell.angle_alpha   90.000
_cell.angle_beta   90.000
_cell.angle_gamma   90.000
#
_symmetry.space_group_name_H-M   'P 21 21 21'
#
loop_
_entity.id
_entity.type
_entity.pdbx_description
1 polymer 'Sialidase B'
2 non-polymer '2-[(3,4-dichlorobenzyl)amino]ethanesulfonic acid'
3 non-polymer 'DIMETHYL SULFOXIDE'
4 water water
#
_entity_poly.entity_id   1
_entity_poly.type   'polypeptide(L)'
_entity_poly.pdbx_seq_one_letter_code
;MNKRGLYSKLGISVVGISLLMGVPTLIHANELNYGQLSISPIFQGGSYQLNNKSIDISSLLLDKLSGESQTVVMKFKADK
PNSLQALFGLSNSKAGFKNNYFSIFMRDSGEIGVEIRDAQKGINYLFSRPASLWGKHKGQAVENTLVFVSDSKDKTYTMY
VNGIEVFSETVDTFLPISNINGIDKATLGAVNREGKEHYLAKGSIDEISLFNKAISDQEVSTIPLSNPFQLIFQSGDSTQ
ANYFRIPTLYTLSSGRVLSSIDARYGGTHDSKSKINIATSYSDDNGKTWSEPIFAMKFNDYEEQLVYWPRDNKLKNSQIS
GSASFIDSSIVEDKKSGKTILLADVMPAGIGNNNANKADSGFKEINGHYYLKLKKNGDNDFRYTVRENGVVYNETTNKPT
NYTINDKYEVLEGGKSLTVEQYSVDFDSGSLRERHNGKQVPMNVFYKDSLFKVTPTNYIAMTTSQNRGESWEQFKLLPPF
LGEKHNGTYLCPGQGLALKSSNRLIFATYTSGELTYLISDDSGQTWKKSSASIPFKNATAEAQMVELRDGVIRTFFRTTT
GKIAYMTSRDSGETWSKVSYIDGIQQTSYGTQVSAIKYSQLIDGKEAVILSTPNSRSGRKGGQLVVGLVNKEDDSIDWKY
HYDIDLPSYGYAYSAITELPNHHIGVLFEKYDSWSRNELHLSNVVQYIDLEINDLTK
;
_entity_poly.pdbx_strand_id   A
#
# COMPACT_ATOMS: atom_id res chain seq x y z
N ILE A 39 6.76 28.69 -21.98
CA ILE A 39 6.76 30.14 -21.86
C ILE A 39 7.28 30.59 -20.48
N SER A 40 7.62 31.87 -20.36
CA SER A 40 8.20 32.41 -19.14
C SER A 40 7.12 32.83 -18.14
N PRO A 41 7.47 32.96 -16.86
CA PRO A 41 6.41 33.32 -15.90
C PRO A 41 6.05 34.80 -15.97
N ILE A 42 4.82 35.12 -15.61
CA ILE A 42 4.36 36.51 -15.52
C ILE A 42 4.76 37.06 -14.16
N PHE A 43 5.08 36.15 -13.24
CA PHE A 43 5.49 36.54 -11.90
C PHE A 43 6.34 35.44 -11.29
N GLN A 44 7.42 35.86 -10.64
CA GLN A 44 8.33 34.95 -9.98
C GLN A 44 8.93 35.63 -8.75
N GLY A 45 8.88 34.94 -7.62
CA GLY A 45 9.43 35.46 -6.39
C GLY A 45 9.82 34.30 -5.48
N GLY A 46 10.58 34.58 -4.42
CA GLY A 46 11.09 33.51 -3.61
C GLY A 46 11.58 33.90 -2.23
N SER A 47 11.97 32.88 -1.45
CA SER A 47 12.30 33.01 -0.04
C SER A 47 11.32 33.89 0.74
N TYR A 48 10.07 33.45 0.80
CA TYR A 48 9.07 34.09 1.65
C TYR A 48 8.91 33.26 2.90
N GLN A 49 9.05 33.89 4.06
CA GLN A 49 8.84 33.18 5.32
C GLN A 49 7.43 33.45 5.77
N LEU A 50 6.67 32.38 5.98
CA LEU A 50 5.29 32.53 6.44
C LEU A 50 5.26 32.25 7.94
N ASN A 51 5.32 33.30 8.75
CA ASN A 51 5.36 33.11 10.19
C ASN A 51 4.09 33.65 10.84
N ASN A 52 2.96 33.05 10.48
CA ASN A 52 1.66 33.48 10.97
C ASN A 52 1.40 34.96 10.69
N LYS A 53 1.82 35.39 9.51
CA LYS A 53 1.62 36.76 9.04
C LYS A 53 1.68 36.74 7.52
N SER A 54 0.56 37.08 6.88
CA SER A 54 0.50 37.01 5.41
C SER A 54 1.41 38.03 4.76
N ILE A 55 1.79 37.76 3.52
CA ILE A 55 2.60 38.68 2.72
C ILE A 55 1.79 39.12 1.51
N ASP A 56 1.65 40.43 1.34
CA ASP A 56 0.86 40.99 0.24
C ASP A 56 1.71 41.15 -1.02
N ILE A 57 1.33 40.47 -2.09
CA ILE A 57 2.04 40.59 -3.35
C ILE A 57 1.11 41.10 -4.45
N SER A 58 0.03 41.76 -4.04
CA SER A 58 -0.97 42.25 -4.98
C SER A 58 -0.35 43.14 -6.06
N SER A 59 0.49 44.08 -5.64
CA SER A 59 1.09 45.05 -6.55
C SER A 59 1.97 44.38 -7.61
N LEU A 60 2.66 43.33 -7.20
CA LEU A 60 3.53 42.59 -8.12
C LEU A 60 2.76 41.67 -9.09
N LEU A 61 1.59 41.19 -8.67
CA LEU A 61 0.95 40.08 -9.39
C LEU A 61 -0.36 40.38 -10.11
N LEU A 62 -1.25 41.14 -9.46
CA LEU A 62 -2.63 41.25 -9.95
C LEU A 62 -2.76 41.75 -11.38
N ASP A 63 -2.02 42.82 -11.72
CA ASP A 63 -2.11 43.37 -13.07
C ASP A 63 -1.36 42.55 -14.11
N LYS A 64 -0.68 41.50 -13.65
CA LYS A 64 0.02 40.57 -14.54
C LYS A 64 -0.91 39.47 -15.04
N LEU A 65 -1.89 39.11 -14.21
CA LEU A 65 -2.83 38.03 -14.54
C LEU A 65 -3.70 38.39 -15.75
N SER A 66 -3.74 37.51 -16.75
CA SER A 66 -4.59 37.79 -17.90
C SER A 66 -5.00 36.51 -18.60
N GLY A 67 -6.21 36.53 -19.18
CA GLY A 67 -6.75 35.32 -19.79
C GLY A 67 -7.36 34.43 -18.73
N GLU A 68 -7.95 33.33 -19.16
CA GLU A 68 -8.72 32.47 -18.25
C GLU A 68 -7.99 31.20 -17.80
N SER A 69 -6.78 30.96 -18.31
CA SER A 69 -6.01 29.78 -17.93
C SER A 69 -4.77 30.20 -17.18
N GLN A 70 -4.47 29.51 -16.07
CA GLN A 70 -3.28 29.84 -15.28
C GLN A 70 -2.59 28.61 -14.71
N THR A 71 -1.28 28.69 -14.53
CA THR A 71 -0.51 27.66 -13.84
C THR A 71 0.20 28.31 -12.65
N VAL A 72 0.13 27.65 -11.49
CA VAL A 72 0.92 28.05 -10.32
C VAL A 72 1.98 26.98 -10.02
N VAL A 73 3.24 27.41 -9.95
CA VAL A 73 4.31 26.49 -9.56
C VAL A 73 4.85 27.03 -8.24
N MET A 74 4.90 26.18 -7.23
CA MET A 74 5.33 26.62 -5.90
C MET A 74 6.17 25.57 -5.18
N LYS A 75 7.36 25.98 -4.74
CA LYS A 75 8.20 25.12 -3.90
C LYS A 75 8.15 25.64 -2.48
N PHE A 76 7.65 24.80 -1.58
CA PHE A 76 7.39 25.26 -0.22
C PHE A 76 7.75 24.21 0.84
N LYS A 77 8.01 24.70 2.04
CA LYS A 77 8.27 23.84 3.18
C LYS A 77 7.22 24.14 4.24
N ALA A 78 6.78 23.11 4.94
CA ALA A 78 5.90 23.29 6.08
C ALA A 78 6.09 22.11 7.01
N ASP A 79 7.06 22.25 7.92
CA ASP A 79 7.38 21.17 8.84
C ASP A 79 6.71 21.38 10.19
N LYS A 80 6.05 22.52 10.36
CA LYS A 80 5.24 22.74 11.58
C LYS A 80 3.94 23.45 11.20
N PRO A 81 3.15 22.84 10.30
CA PRO A 81 1.98 23.56 9.79
C PRO A 81 0.94 23.80 10.87
N ASN A 82 0.15 24.87 10.71
CA ASN A 82 -1.09 25.00 11.47
C ASN A 82 -2.08 23.94 11.01
N SER A 83 -3.14 23.72 11.79
CA SER A 83 -4.16 22.72 11.47
C SER A 83 -4.71 22.86 10.03
N LEU A 84 -5.04 24.09 9.66
CA LEU A 84 -5.52 24.39 8.31
C LEU A 84 -4.92 25.72 7.90
N GLN A 85 -4.16 25.74 6.81
CA GLN A 85 -3.53 26.98 6.38
C GLN A 85 -3.49 27.18 4.86
N ALA A 86 -3.63 28.43 4.43
CA ALA A 86 -3.53 28.73 3.01
C ALA A 86 -2.11 29.15 2.65
N LEU A 87 -1.61 28.60 1.55
CA LEU A 87 -0.29 28.96 1.07
C LEU A 87 -0.40 30.18 0.16
N PHE A 88 -1.44 30.21 -0.65
CA PHE A 88 -1.57 31.26 -1.65
C PHE A 88 -3.03 31.61 -1.80
N GLY A 89 -3.31 32.91 -1.94
CA GLY A 89 -4.67 33.38 -2.08
C GLY A 89 -4.81 34.50 -3.09
N LEU A 90 -5.91 34.45 -3.83
CA LEU A 90 -6.38 35.57 -4.62
C LEU A 90 -7.78 35.83 -4.11
N SER A 91 -8.07 37.06 -3.68
CA SER A 91 -9.37 37.31 -3.06
C SER A 91 -9.95 38.70 -3.29
N ASN A 92 -11.27 38.76 -3.24
CA ASN A 92 -11.98 40.03 -3.06
C ASN A 92 -11.98 40.28 -1.55
N SER A 93 -11.22 41.27 -1.11
CA SER A 93 -11.09 41.52 0.32
C SER A 93 -12.16 42.47 0.85
N LYS A 94 -13.12 42.82 0.01
CA LYS A 94 -14.10 43.86 0.39
C LYS A 94 -15.26 43.34 1.23
N ALA A 95 -15.84 44.23 2.05
CA ALA A 95 -16.98 43.89 2.89
C ALA A 95 -18.09 43.26 2.05
N GLY A 96 -18.66 42.14 2.51
CA GLY A 96 -19.73 41.49 1.78
C GLY A 96 -19.32 40.50 0.69
N PHE A 97 -18.02 40.33 0.48
CA PHE A 97 -17.54 39.40 -0.55
C PHE A 97 -16.56 38.38 -0.01
N LYS A 98 -16.82 37.91 1.21
CA LYS A 98 -15.90 37.02 1.93
C LYS A 98 -15.83 35.64 1.27
N ASN A 99 -16.78 35.35 0.40
CA ASN A 99 -16.83 34.07 -0.29
C ASN A 99 -16.42 34.19 -1.76
N ASN A 100 -15.59 35.19 -2.05
CA ASN A 100 -15.05 35.40 -3.39
C ASN A 100 -13.55 35.31 -3.35
N TYR A 101 -13.01 34.09 -3.51
CA TYR A 101 -11.57 33.92 -3.46
C TYR A 101 -11.12 32.60 -4.07
N PHE A 102 -9.86 32.58 -4.47
CA PHE A 102 -9.19 31.35 -4.82
C PHE A 102 -8.10 31.14 -3.79
N SER A 103 -7.91 29.90 -3.36
CA SER A 103 -6.85 29.60 -2.40
C SER A 103 -6.23 28.25 -2.71
N ILE A 104 -4.94 28.12 -2.41
CA ILE A 104 -4.31 26.81 -2.31
C ILE A 104 -4.08 26.62 -0.83
N PHE A 105 -4.65 25.56 -0.26
CA PHE A 105 -4.52 25.32 1.17
C PHE A 105 -3.99 23.93 1.46
N MET A 106 -3.54 23.74 2.70
CA MET A 106 -3.11 22.43 3.19
C MET A 106 -3.63 22.23 4.61
N ARG A 107 -3.70 20.99 5.05
CA ARG A 107 -4.04 20.68 6.44
C ARG A 107 -2.84 20.00 7.11
N ASP A 108 -2.82 19.98 8.45
CA ASP A 108 -1.72 19.32 9.13
C ASP A 108 -1.76 17.79 9.01
N SER A 109 -2.78 17.26 8.33
CA SER A 109 -2.84 15.83 8.00
C SER A 109 -2.03 15.50 6.75
N GLY A 110 -1.49 16.52 6.10
CA GLY A 110 -0.80 16.33 4.82
C GLY A 110 -1.67 16.49 3.59
N GLU A 111 -2.94 16.85 3.80
CA GLU A 111 -3.88 17.07 2.70
C GLU A 111 -3.60 18.39 1.99
N ILE A 112 -3.73 18.39 0.65
CA ILE A 112 -3.58 19.61 -0.14
C ILE A 112 -4.89 19.84 -0.91
N GLY A 113 -5.22 21.11 -1.15
CA GLY A 113 -6.38 21.41 -1.96
C GLY A 113 -6.48 22.84 -2.45
N VAL A 114 -7.52 23.10 -3.24
CA VAL A 114 -7.87 24.48 -3.61
C VAL A 114 -9.33 24.72 -3.37
N GLU A 115 -9.66 26.00 -3.17
CA GLU A 115 -11.03 26.49 -3.21
C GLU A 115 -11.08 27.52 -4.33
N ILE A 116 -12.21 27.59 -5.04
CA ILE A 116 -12.42 28.58 -6.08
C ILE A 116 -13.86 29.03 -5.95
N ARG A 117 -14.06 30.24 -5.45
CA ARG A 117 -15.38 30.66 -5.01
C ARG A 117 -15.74 32.03 -5.54
N ASP A 118 -16.99 32.16 -5.98
CA ASP A 118 -17.53 33.43 -6.46
C ASP A 118 -19.02 33.43 -6.16
N ALA A 119 -19.45 34.29 -5.23
CA ALA A 119 -20.85 34.28 -4.78
C ALA A 119 -21.81 34.74 -5.88
N GLN A 120 -21.37 35.69 -6.69
CA GLN A 120 -22.24 36.21 -7.74
C GLN A 120 -22.54 35.12 -8.76
N LYS A 121 -21.51 34.33 -9.07
CA LYS A 121 -21.66 33.21 -10.00
C LYS A 121 -22.31 31.99 -9.33
N GLY A 122 -22.44 32.03 -8.01
CA GLY A 122 -22.97 30.89 -7.27
C GLY A 122 -22.09 29.66 -7.38
N ILE A 123 -20.77 29.88 -7.40
CA ILE A 123 -19.80 28.80 -7.52
C ILE A 123 -18.93 28.67 -6.27
N ASN A 124 -18.90 27.47 -5.68
CA ASN A 124 -18.03 27.19 -4.55
C ASN A 124 -17.36 25.84 -4.77
N TYR A 125 -16.24 25.87 -5.48
CA TYR A 125 -15.52 24.63 -5.78
C TYR A 125 -14.52 24.38 -4.66
N LEU A 126 -14.43 23.12 -4.24
CA LEU A 126 -13.34 22.68 -3.37
C LEU A 126 -12.86 21.35 -3.90
N PHE A 127 -11.59 21.30 -4.29
CA PHE A 127 -10.98 20.04 -4.70
C PHE A 127 -9.80 19.81 -3.77
N SER A 128 -9.57 18.55 -3.40
CA SER A 128 -8.50 18.25 -2.46
C SER A 128 -8.14 16.77 -2.47
N ARG A 129 -6.96 16.45 -1.95
CA ARG A 129 -6.65 15.05 -1.68
C ARG A 129 -5.81 14.92 -0.42
N PRO A 130 -6.21 14.02 0.49
CA PRO A 130 -5.44 13.75 1.70
C PRO A 130 -4.05 13.24 1.35
N ALA A 131 -3.14 13.24 2.33
CA ALA A 131 -1.86 12.55 2.21
C ALA A 131 -1.13 12.87 0.89
N SER A 132 -0.92 14.15 0.61
CA SER A 132 -0.24 14.54 -0.63
C SER A 132 1.12 15.16 -0.36
N LEU A 133 1.44 15.37 0.91
CA LEU A 133 2.60 16.21 1.26
C LEU A 133 3.71 15.47 2.04
N TRP A 134 4.94 15.97 1.94
CA TRP A 134 5.96 15.61 2.92
C TRP A 134 6.21 16.80 3.86
N GLY A 135 6.63 16.49 5.08
CA GLY A 135 6.97 17.51 6.05
C GLY A 135 8.46 17.56 6.34
N LYS A 136 9.02 16.43 6.79
CA LYS A 136 10.44 16.33 7.16
C LYS A 136 11.02 15.01 6.70
N HIS A 137 12.34 15.01 6.47
CA HIS A 137 13.07 13.80 6.10
C HIS A 137 14.49 13.96 6.64
N LYS A 138 14.97 12.96 7.37
CA LYS A 138 16.25 13.05 8.08
C LYS A 138 16.32 14.34 8.90
N GLY A 139 15.21 14.69 9.54
CA GLY A 139 15.17 15.87 10.40
C GLY A 139 15.10 17.22 9.72
N GLN A 140 15.15 17.24 8.41
CA GLN A 140 15.13 18.51 7.68
C GLN A 140 13.82 18.72 6.93
N ALA A 141 13.33 19.96 6.93
CA ALA A 141 12.10 20.30 6.24
C ALA A 141 12.18 19.99 4.74
N VAL A 142 11.20 19.26 4.24
CA VAL A 142 11.15 18.87 2.83
C VAL A 142 10.62 19.99 1.91
N GLU A 143 11.31 20.23 0.81
CA GLU A 143 10.83 21.16 -0.21
C GLU A 143 9.82 20.44 -1.10
N ASN A 144 8.53 20.73 -0.89
CA ASN A 144 7.48 20.16 -1.72
C ASN A 144 7.36 20.98 -2.99
N THR A 145 7.09 20.30 -4.10
CA THR A 145 6.96 20.97 -5.39
C THR A 145 5.52 20.85 -5.84
N LEU A 146 4.80 21.97 -5.82
CA LEU A 146 3.37 21.97 -6.14
C LEU A 146 3.16 22.63 -7.49
N VAL A 147 2.38 21.97 -8.34
CA VAL A 147 2.02 22.52 -9.65
C VAL A 147 0.52 22.47 -9.78
N PHE A 148 -0.12 23.65 -9.84
CA PHE A 148 -1.58 23.71 -10.06
C PHE A 148 -1.90 24.27 -11.44
N VAL A 149 -2.65 23.51 -12.22
CA VAL A 149 -3.04 23.93 -13.57
C VAL A 149 -4.53 24.20 -13.66
N SER A 150 -4.88 25.43 -14.03
CA SER A 150 -6.27 25.86 -14.22
C SER A 150 -6.51 26.10 -15.72
N ASP A 151 -7.25 25.20 -16.35
CA ASP A 151 -7.33 25.12 -17.80
C ASP A 151 -8.73 25.45 -18.27
N SER A 152 -8.91 26.65 -18.83
CA SER A 152 -10.24 27.07 -19.25
C SER A 152 -10.72 26.33 -20.49
N LYS A 153 -9.78 25.94 -21.36
CA LYS A 153 -10.16 25.26 -22.60
C LYS A 153 -10.81 23.91 -22.33
N ASP A 154 -10.17 23.11 -21.48
CA ASP A 154 -10.70 21.80 -21.09
C ASP A 154 -11.59 21.87 -19.85
N LYS A 155 -11.73 23.07 -19.29
CA LYS A 155 -12.50 23.29 -18.06
C LYS A 155 -12.08 22.32 -16.96
N THR A 156 -10.78 22.25 -16.72
CA THR A 156 -10.23 21.23 -15.84
C THR A 156 -9.20 21.84 -14.89
N TYR A 157 -9.29 21.48 -13.60
CA TYR A 157 -8.31 21.91 -12.63
C TYR A 157 -7.49 20.69 -12.22
N THR A 158 -6.17 20.81 -12.29
CA THR A 158 -5.30 19.67 -12.01
C THR A 158 -4.22 20.07 -11.02
N MET A 159 -4.01 19.23 -10.02
CA MET A 159 -3.00 19.47 -8.99
C MET A 159 -1.96 18.36 -8.96
N TYR A 160 -0.68 18.75 -9.04
CA TYR A 160 0.42 17.83 -8.84
C TYR A 160 1.21 18.25 -7.61
N VAL A 161 1.64 17.28 -6.81
CA VAL A 161 2.58 17.56 -5.73
C VAL A 161 3.71 16.54 -5.75
N ASN A 162 4.94 17.03 -5.83
CA ASN A 162 6.12 16.18 -5.84
C ASN A 162 6.11 15.21 -7.01
N GLY A 163 5.56 15.66 -8.14
CA GLY A 163 5.56 14.88 -9.36
C GLY A 163 4.46 13.85 -9.40
N ILE A 164 3.49 14.00 -8.50
CA ILE A 164 2.36 13.09 -8.45
C ILE A 164 1.08 13.87 -8.65
N GLU A 165 0.28 13.46 -9.63
CA GLU A 165 -1.02 14.07 -9.84
C GLU A 165 -1.94 13.58 -8.73
N VAL A 166 -2.48 14.51 -7.94
CA VAL A 166 -3.32 14.13 -6.80
C VAL A 166 -4.80 14.38 -7.05
N PHE A 167 -5.11 15.30 -7.97
CA PHE A 167 -6.47 15.39 -8.50
C PHE A 167 -6.52 16.07 -9.87
N SER A 168 -7.52 15.69 -10.66
CA SER A 168 -7.81 16.34 -11.93
C SER A 168 -9.33 16.39 -12.05
N GLU A 169 -9.90 17.59 -12.03
CA GLU A 169 -11.34 17.73 -11.94
C GLU A 169 -11.89 18.59 -13.07
N THR A 170 -12.81 18.02 -13.85
CA THR A 170 -13.46 18.74 -14.94
C THR A 170 -14.83 19.24 -14.46
N VAL A 171 -15.18 20.48 -14.79
CA VAL A 171 -16.47 21.03 -14.40
C VAL A 171 -17.27 21.48 -15.61
N ASP A 172 -18.60 21.52 -15.44
CA ASP A 172 -19.47 22.02 -16.49
C ASP A 172 -19.32 23.53 -16.62
N THR A 173 -19.23 24.20 -15.48
CA THR A 173 -19.08 25.66 -15.46
C THR A 173 -17.73 26.06 -14.89
N PHE A 174 -16.82 26.45 -15.78
CA PHE A 174 -15.45 26.76 -15.36
C PHE A 174 -15.35 28.15 -14.75
N LEU A 175 -14.52 28.26 -13.71
CA LEU A 175 -14.25 29.55 -13.07
C LEU A 175 -12.76 29.83 -13.10
N PRO A 176 -12.33 30.72 -14.01
CA PRO A 176 -10.93 31.17 -14.04
C PRO A 176 -10.60 31.77 -12.68
N ILE A 177 -9.41 31.50 -12.16
CA ILE A 177 -9.07 31.89 -10.79
C ILE A 177 -8.97 33.40 -10.59
N SER A 178 -8.69 34.13 -11.67
CA SER A 178 -8.58 35.59 -11.57
C SER A 178 -9.78 36.27 -12.17
N ASN A 179 -10.79 35.48 -12.52
CA ASN A 179 -12.05 36.01 -13.02
C ASN A 179 -13.11 36.09 -11.91
N ILE A 180 -12.69 35.85 -10.68
CA ILE A 180 -13.59 36.00 -9.53
C ILE A 180 -13.95 37.48 -9.34
N ASN A 181 -15.24 37.76 -9.16
N ASN A 181 -15.24 37.76 -9.17
CA ASN A 181 -15.77 39.12 -9.05
CA ASN A 181 -15.75 39.13 -9.06
C ASN A 181 -15.09 39.97 -7.96
C ASN A 181 -15.07 39.96 -7.97
N GLY A 182 -14.45 41.07 -8.36
CA GLY A 182 -13.86 42.00 -7.43
C GLY A 182 -12.53 41.62 -6.77
N ILE A 183 -11.81 40.65 -7.32
CA ILE A 183 -10.50 40.31 -6.76
C ILE A 183 -9.62 41.57 -6.64
N ASP A 184 -9.05 41.80 -5.47
CA ASP A 184 -8.21 42.97 -5.26
C ASP A 184 -6.98 42.68 -4.39
N LYS A 185 -6.78 41.40 -4.05
CA LYS A 185 -5.62 41.00 -3.24
C LYS A 185 -4.99 39.70 -3.74
N ALA A 186 -3.66 39.68 -3.81
CA ALA A 186 -2.89 38.45 -3.99
C ALA A 186 -2.05 38.28 -2.75
N THR A 187 -2.20 37.12 -2.10
CA THR A 187 -1.67 36.93 -0.75
C THR A 187 -0.92 35.60 -0.58
N LEU A 188 0.23 35.65 0.10
CA LEU A 188 0.92 34.41 0.49
C LEU A 188 0.77 34.17 2.00
N GLY A 189 0.39 32.96 2.39
CA GLY A 189 0.34 32.60 3.80
C GLY A 189 -0.96 32.94 4.51
N ALA A 190 -1.95 33.39 3.73
CA ALA A 190 -3.33 33.56 4.24
C ALA A 190 -4.26 33.84 3.06
N VAL A 191 -5.55 33.98 3.37
CA VAL A 191 -6.49 34.54 2.41
C VAL A 191 -7.07 35.79 3.07
N ASN A 192 -7.04 36.92 2.35
CA ASN A 192 -7.61 38.16 2.88
C ASN A 192 -9.12 38.18 2.63
N ARG A 193 -9.90 38.02 3.70
CA ARG A 193 -11.35 38.10 3.60
C ARG A 193 -11.86 39.25 4.47
N GLU A 194 -12.53 40.21 3.82
CA GLU A 194 -13.06 41.39 4.51
C GLU A 194 -11.99 42.08 5.36
N GLY A 195 -10.76 42.10 4.86
CA GLY A 195 -9.69 42.84 5.51
C GLY A 195 -8.94 42.06 6.58
N LYS A 196 -9.36 40.82 6.85
CA LYS A 196 -8.69 40.02 7.87
C LYS A 196 -7.99 38.79 7.27
N GLU A 197 -6.95 38.33 7.99
CA GLU A 197 -6.16 37.17 7.57
C GLU A 197 -6.79 35.86 7.99
N HIS A 198 -7.33 35.11 7.03
CA HIS A 198 -7.87 33.80 7.32
C HIS A 198 -6.88 32.72 6.92
N TYR A 199 -6.94 31.57 7.59
CA TYR A 199 -6.07 30.44 7.24
C TYR A 199 -4.59 30.78 7.30
N LEU A 200 -4.19 31.54 8.32
CA LEU A 200 -2.78 31.94 8.48
C LEU A 200 -1.85 30.74 8.46
N ALA A 201 -0.76 30.83 7.70
CA ALA A 201 0.17 29.72 7.54
C ALA A 201 1.46 29.88 8.33
N LYS A 202 2.01 28.74 8.75
CA LYS A 202 3.36 28.67 9.23
C LYS A 202 4.12 27.77 8.26
N GLY A 203 5.12 28.33 7.59
CA GLY A 203 5.94 27.58 6.67
C GLY A 203 6.81 28.55 5.89
N SER A 204 7.24 28.12 4.71
CA SER A 204 7.99 29.01 3.85
C SER A 204 7.75 28.67 2.39
N ILE A 205 7.78 29.69 1.54
CA ILE A 205 7.69 29.48 0.11
C ILE A 205 9.01 29.88 -0.52
N ASP A 206 9.81 28.88 -0.86
CA ASP A 206 11.13 29.15 -1.40
C ASP A 206 11.07 29.68 -2.83
N GLU A 207 10.08 29.21 -3.60
CA GLU A 207 9.88 29.68 -4.97
C GLU A 207 8.41 29.70 -5.31
N ILE A 208 7.98 30.73 -6.01
CA ILE A 208 6.64 30.74 -6.58
C ILE A 208 6.65 31.44 -7.94
N SER A 209 6.05 30.79 -8.93
CA SER A 209 5.96 31.31 -10.29
C SER A 209 4.52 31.18 -10.73
N LEU A 210 4.05 32.12 -11.55
CA LEU A 210 2.72 32.02 -12.13
C LEU A 210 2.79 32.25 -13.61
N PHE A 211 1.92 31.54 -14.35
CA PHE A 211 1.93 31.54 -15.80
C PHE A 211 0.52 31.80 -16.30
N ASN A 212 0.40 32.60 -17.35
CA ASN A 212 -0.88 32.84 -18.00
C ASN A 212 -1.09 31.80 -19.09
N LYS A 213 -1.05 30.53 -18.67
CA LYS A 213 -1.19 29.42 -19.58
C LYS A 213 -1.42 28.18 -18.74
N ALA A 214 -2.21 27.25 -19.27
CA ALA A 214 -2.34 25.95 -18.67
C ALA A 214 -1.26 25.07 -19.29
N ILE A 215 -0.17 24.83 -18.56
CA ILE A 215 0.93 24.05 -19.11
C ILE A 215 0.57 22.56 -19.24
N SER A 216 1.11 21.91 -20.27
CA SER A 216 0.76 20.52 -20.55
C SER A 216 1.33 19.55 -19.51
N ASP A 217 0.77 18.34 -19.47
CA ASP A 217 1.33 17.27 -18.64
C ASP A 217 2.82 17.08 -18.96
N GLN A 218 3.16 17.22 -20.24
CA GLN A 218 4.54 17.07 -20.71
C GLN A 218 5.45 18.12 -20.07
N GLU A 219 5.04 19.38 -20.16
CA GLU A 219 5.79 20.47 -19.55
C GLU A 219 5.91 20.29 -18.03
N VAL A 220 4.82 19.88 -17.38
CA VAL A 220 4.85 19.62 -15.95
C VAL A 220 5.93 18.63 -15.57
N SER A 221 6.04 17.57 -16.36
CA SER A 221 6.98 16.49 -16.07
C SER A 221 8.45 16.95 -16.11
N THR A 222 8.72 18.09 -16.73
CA THR A 222 10.10 18.62 -16.81
C THR A 222 10.48 19.55 -15.65
N ILE A 223 9.52 19.87 -14.79
CA ILE A 223 9.81 20.72 -13.63
C ILE A 223 10.63 19.93 -12.62
N PRO A 224 11.80 20.47 -12.24
CA PRO A 224 12.71 19.75 -11.34
C PRO A 224 12.06 19.53 -9.98
N LEU A 225 12.36 18.41 -9.33
CA LEU A 225 11.76 18.09 -8.04
C LEU A 225 12.84 17.94 -6.98
N SER A 226 12.43 18.05 -5.72
CA SER A 226 13.34 17.84 -4.59
C SER A 226 12.77 16.76 -3.69
N ASN A 227 12.35 15.64 -4.27
CA ASN A 227 11.70 14.60 -3.48
C ASN A 227 12.64 13.85 -2.54
N PRO A 228 12.17 13.52 -1.35
CA PRO A 228 12.96 12.72 -0.40
C PRO A 228 12.72 11.23 -0.63
N PHE A 229 11.82 10.90 -1.55
CA PHE A 229 11.37 9.53 -1.76
C PHE A 229 11.44 9.11 -3.23
N GLN A 230 11.25 7.82 -3.48
CA GLN A 230 11.07 7.32 -4.85
C GLN A 230 9.89 6.38 -4.92
N LEU A 231 9.40 6.15 -6.14
CA LEU A 231 8.34 5.18 -6.35
C LEU A 231 8.95 3.93 -6.97
N ILE A 232 8.56 2.77 -6.45
CA ILE A 232 8.95 1.49 -7.04
C ILE A 232 7.77 1.06 -7.89
N PHE A 233 6.61 1.00 -7.25
CA PHE A 233 5.36 0.73 -7.95
C PHE A 233 4.60 2.03 -8.06
N GLN A 234 3.92 2.24 -9.19
CA GLN A 234 3.18 3.49 -9.39
C GLN A 234 2.11 3.37 -10.45
N SER A 235 1.12 4.26 -10.38
CA SER A 235 0.01 4.30 -11.33
C SER A 235 0.55 4.43 -12.75
N GLY A 236 0.09 3.58 -13.65
CA GLY A 236 0.47 3.66 -15.04
C GLY A 236 1.64 2.75 -15.39
N ASP A 237 2.16 2.06 -14.37
CA ASP A 237 3.26 1.12 -14.63
C ASP A 237 2.73 -0.18 -15.26
N SER A 238 3.61 -1.18 -15.36
CA SER A 238 3.29 -2.42 -16.06
C SER A 238 2.15 -3.21 -15.42
N THR A 239 1.84 -2.94 -14.14
CA THR A 239 0.77 -3.67 -13.47
C THR A 239 -0.57 -3.16 -13.94
N GLN A 240 -0.60 -1.90 -14.38
CA GLN A 240 -1.84 -1.21 -14.70
C GLN A 240 -2.84 -1.16 -13.54
N ALA A 241 -2.35 -1.34 -12.31
CA ALA A 241 -3.20 -1.08 -11.14
C ALA A 241 -3.02 0.37 -10.75
N ASN A 242 -4.12 1.05 -10.40
CA ASN A 242 -4.03 2.45 -10.03
C ASN A 242 -3.62 2.64 -8.55
N TYR A 243 -3.67 1.53 -7.80
CA TYR A 243 -3.47 1.55 -6.34
C TYR A 243 -2.57 0.42 -5.88
N PHE A 244 -1.88 0.62 -4.75
CA PHE A 244 -1.04 -0.42 -4.18
C PHE A 244 -1.12 -0.42 -2.67
N ARG A 245 -1.01 -1.61 -2.08
CA ARG A 245 -0.92 -1.71 -0.64
C ARG A 245 -0.06 -2.91 -0.29
N ILE A 246 0.31 -2.98 0.99
CA ILE A 246 1.01 -4.14 1.54
C ILE A 246 2.39 -4.36 0.94
N PRO A 247 3.32 -3.39 1.15
CA PRO A 247 4.67 -3.50 0.59
C PRO A 247 5.51 -4.52 1.35
N THR A 248 6.43 -5.17 0.64
CA THR A 248 7.45 -6.04 1.25
C THR A 248 8.83 -5.66 0.70
N LEU A 249 9.88 -6.00 1.44
CA LEU A 249 11.25 -5.81 0.98
C LEU A 249 12.10 -6.95 1.52
N TYR A 250 13.02 -7.43 0.69
CA TYR A 250 13.90 -8.51 1.14
C TYR A 250 15.22 -8.43 0.37
N THR A 251 16.33 -8.45 1.12
CA THR A 251 17.66 -8.40 0.50
C THR A 251 18.20 -9.80 0.21
N LEU A 252 18.42 -10.09 -1.08
CA LEU A 252 18.89 -11.39 -1.53
C LEU A 252 20.43 -11.50 -1.45
N SER A 253 20.95 -12.73 -1.41
CA SER A 253 22.37 -12.95 -1.17
C SER A 253 23.27 -12.35 -2.27
N SER A 254 22.74 -12.23 -3.48
CA SER A 254 23.51 -11.63 -4.58
C SER A 254 23.62 -10.12 -4.40
N GLY A 255 22.84 -9.56 -3.49
CA GLY A 255 22.82 -8.11 -3.30
C GLY A 255 21.61 -7.45 -3.95
N ARG A 256 20.94 -8.17 -4.83
CA ARG A 256 19.66 -7.71 -5.38
C ARG A 256 18.66 -7.51 -4.25
N VAL A 257 17.94 -6.40 -4.28
CA VAL A 257 16.87 -6.16 -3.31
C VAL A 257 15.54 -6.40 -4.01
N LEU A 258 14.69 -7.23 -3.42
CA LEU A 258 13.43 -7.59 -4.03
C LEU A 258 12.27 -6.98 -3.25
N SER A 259 11.25 -6.51 -3.97
CA SER A 259 10.04 -6.01 -3.34
C SER A 259 8.83 -6.71 -3.92
N SER A 260 7.83 -6.96 -3.08
CA SER A 260 6.53 -7.42 -3.56
C SER A 260 5.45 -6.52 -2.99
N ILE A 261 4.24 -6.62 -3.53
CA ILE A 261 3.18 -5.69 -3.19
C ILE A 261 1.84 -6.15 -3.77
N ASP A 262 0.74 -5.73 -3.12
CA ASP A 262 -0.60 -5.95 -3.67
C ASP A 262 -0.79 -4.92 -4.77
N ALA A 263 -0.94 -5.38 -6.01
CA ALA A 263 -1.36 -4.44 -7.05
C ALA A 263 -2.89 -4.43 -7.00
N ARG A 264 -3.48 -3.35 -6.48
CA ARG A 264 -4.91 -3.33 -6.22
C ARG A 264 -5.68 -2.50 -7.25
N TYR A 265 -6.61 -3.16 -7.94
CA TYR A 265 -7.28 -2.57 -9.09
C TYR A 265 -8.58 -1.86 -8.72
N GLY A 266 -9.37 -2.47 -7.85
CA GLY A 266 -10.65 -1.90 -7.48
C GLY A 266 -10.53 -0.97 -6.29
N GLY A 267 -9.78 0.12 -6.47
CA GLY A 267 -9.51 1.02 -5.36
C GLY A 267 -8.56 0.32 -4.39
N THR A 268 -8.47 0.83 -3.16
CA THR A 268 -7.53 0.26 -2.18
C THR A 268 -8.18 -0.78 -1.26
N HIS A 269 -9.43 -1.15 -1.54
CA HIS A 269 -10.16 -2.15 -0.74
C HIS A 269 -9.41 -3.49 -0.65
N ASP A 270 -9.40 -4.09 0.56
CA ASP A 270 -9.01 -5.50 0.72
C ASP A 270 -9.97 -6.33 -0.13
N SER A 271 -9.57 -7.54 -0.51
CA SER A 271 -10.54 -8.48 -1.11
C SER A 271 -11.87 -8.48 -0.31
N LYS A 272 -13.03 -8.57 -0.98
CA LYS A 272 -13.16 -8.83 -2.42
C LYS A 272 -12.86 -7.63 -3.34
N SER A 273 -12.08 -7.92 -4.38
CA SER A 273 -11.64 -6.91 -5.33
C SER A 273 -10.92 -7.68 -6.42
N LYS A 274 -10.24 -6.98 -7.30
CA LYS A 274 -9.20 -7.63 -8.10
C LYS A 274 -7.87 -7.15 -7.57
N ILE A 275 -7.03 -8.10 -7.15
CA ILE A 275 -5.68 -7.80 -6.71
C ILE A 275 -4.74 -8.89 -7.24
N ASN A 276 -3.62 -8.46 -7.82
CA ASN A 276 -2.51 -9.32 -8.21
C ASN A 276 -1.32 -9.01 -7.30
N ILE A 277 -0.37 -9.94 -7.22
CA ILE A 277 0.89 -9.67 -6.52
C ILE A 277 1.95 -9.32 -7.54
N ALA A 278 2.57 -8.15 -7.38
CA ALA A 278 3.61 -7.70 -8.32
C ALA A 278 4.97 -7.61 -7.60
N THR A 279 6.04 -7.72 -8.38
CA THR A 279 7.39 -7.61 -7.81
C THR A 279 8.27 -6.73 -8.68
N SER A 280 9.28 -6.13 -8.05
CA SER A 280 10.28 -5.30 -8.72
C SER A 280 11.55 -5.54 -7.93
N TYR A 281 12.71 -5.38 -8.56
CA TYR A 281 13.97 -5.54 -7.83
C TYR A 281 14.94 -4.40 -8.15
N SER A 282 15.93 -4.20 -7.27
CA SER A 282 16.96 -3.20 -7.48
C SER A 282 18.31 -3.85 -7.36
N ASP A 283 19.21 -3.57 -8.32
CA ASP A 283 20.55 -4.16 -8.27
C ASP A 283 21.59 -3.13 -7.87
N ASP A 284 21.14 -1.92 -7.57
CA ASP A 284 22.06 -0.84 -7.17
C ASP A 284 21.69 -0.22 -5.82
N ASN A 285 21.44 -1.06 -4.82
CA ASN A 285 21.16 -0.58 -3.46
C ASN A 285 19.92 0.33 -3.36
N GLY A 286 18.91 0.04 -4.18
CA GLY A 286 17.65 0.77 -4.10
C GLY A 286 17.58 2.05 -4.93
N LYS A 287 18.66 2.39 -5.62
CA LYS A 287 18.66 3.62 -6.42
C LYS A 287 17.69 3.57 -7.60
N THR A 288 17.61 2.42 -8.27
CA THR A 288 16.67 2.24 -9.37
C THR A 288 16.02 0.88 -9.28
N TRP A 289 14.83 0.75 -9.86
CA TRP A 289 14.02 -0.45 -9.67
C TRP A 289 13.50 -0.93 -11.01
N SER A 290 13.36 -2.24 -11.17
CA SER A 290 12.93 -2.80 -12.44
C SER A 290 11.45 -2.58 -12.68
N GLU A 291 11.05 -2.55 -13.95
CA GLU A 291 9.61 -2.52 -14.28
C GLU A 291 8.96 -3.75 -13.65
N PRO A 292 7.83 -3.55 -12.95
CA PRO A 292 7.24 -4.66 -12.19
C PRO A 292 6.80 -5.82 -13.09
N ILE A 293 6.78 -7.02 -12.52
CA ILE A 293 6.15 -8.17 -13.17
C ILE A 293 5.18 -8.77 -12.16
N PHE A 294 4.35 -9.70 -12.60
CA PHE A 294 3.49 -10.41 -11.65
C PHE A 294 4.14 -11.66 -11.09
N ALA A 295 4.01 -11.84 -9.78
CA ALA A 295 4.37 -13.11 -9.15
C ALA A 295 3.13 -14.01 -9.09
N MET A 296 1.97 -13.37 -8.89
CA MET A 296 0.69 -14.09 -8.83
C MET A 296 -0.40 -13.26 -9.50
N LYS A 297 -1.14 -13.87 -10.42
CA LYS A 297 -2.11 -13.10 -11.21
C LYS A 297 -3.28 -13.99 -11.64
N PHE A 298 -4.47 -13.41 -11.68
CA PHE A 298 -5.63 -14.07 -12.26
C PHE A 298 -6.06 -13.26 -13.47
N ASN A 299 -6.81 -13.86 -14.39
CA ASN A 299 -7.22 -13.13 -15.60
C ASN A 299 -8.72 -13.13 -15.85
N ASP A 300 -9.50 -13.54 -14.86
CA ASP A 300 -10.95 -13.52 -15.01
C ASP A 300 -11.48 -12.09 -15.19
N TYR A 301 -10.72 -11.11 -14.70
CA TYR A 301 -11.05 -9.69 -14.90
C TYR A 301 -9.85 -9.00 -15.55
N GLU A 302 -10.10 -8.02 -16.43
CA GLU A 302 -9.04 -7.25 -17.09
C GLU A 302 -8.18 -6.50 -16.07
N GLU A 303 -6.89 -6.38 -16.33
CA GLU A 303 -6.06 -5.48 -15.52
C GLU A 303 -6.30 -4.04 -15.96
N GLN A 304 -7.17 -3.34 -15.23
CA GLN A 304 -7.59 -1.98 -15.63
C GLN A 304 -7.12 -0.92 -14.66
N LEU A 305 -6.54 0.15 -15.21
CA LEU A 305 -6.21 1.33 -14.43
C LEU A 305 -7.50 2.15 -14.29
N VAL A 306 -8.08 2.17 -13.10
CA VAL A 306 -9.38 2.81 -12.92
C VAL A 306 -9.31 3.88 -11.85
N TYR A 307 -9.93 5.04 -12.11
CA TYR A 307 -10.04 6.06 -11.09
C TYR A 307 -11.25 5.75 -10.21
N TRP A 308 -10.99 5.19 -9.04
CA TRP A 308 -12.06 4.75 -8.15
C TRP A 308 -12.71 5.95 -7.44
N PRO A 309 -14.06 6.00 -7.43
CA PRO A 309 -14.75 7.15 -6.82
C PRO A 309 -14.37 7.32 -5.35
N ARG A 310 -14.20 8.57 -4.93
CA ARG A 310 -13.87 8.87 -3.54
C ARG A 310 -15.01 9.57 -2.80
N ASP A 311 -16.12 9.81 -3.50
CA ASP A 311 -17.28 10.41 -2.85
C ASP A 311 -17.95 9.38 -1.93
N ASN A 312 -18.66 9.86 -0.92
CA ASN A 312 -19.23 8.98 0.10
C ASN A 312 -20.25 7.99 -0.43
N LYS A 313 -20.93 8.36 -1.52
CA LYS A 313 -21.98 7.48 -2.06
C LYS A 313 -21.42 6.24 -2.77
N LEU A 314 -20.26 6.39 -3.42
CA LEU A 314 -19.73 5.35 -4.29
C LEU A 314 -18.39 4.74 -3.85
N LYS A 315 -17.72 5.32 -2.86
CA LYS A 315 -16.35 4.90 -2.56
C LYS A 315 -16.27 3.48 -2.03
N ASN A 316 -17.40 2.97 -1.52
CA ASN A 316 -17.45 1.58 -1.09
C ASN A 316 -17.86 0.61 -2.20
N SER A 317 -17.97 1.11 -3.42
CA SER A 317 -18.07 0.22 -4.58
C SER A 317 -16.88 -0.76 -4.58
N GLN A 318 -17.15 -2.01 -4.94
CA GLN A 318 -16.15 -3.06 -4.82
C GLN A 318 -16.29 -4.04 -5.98
N ILE A 319 -15.20 -4.33 -6.66
CA ILE A 319 -15.21 -5.40 -7.66
C ILE A 319 -15.56 -6.70 -6.94
N SER A 320 -16.70 -7.28 -7.32
CA SER A 320 -17.33 -8.30 -6.50
C SER A 320 -17.35 -9.69 -7.10
N GLY A 321 -16.94 -9.81 -8.35
CA GLY A 321 -16.90 -11.11 -9.00
C GLY A 321 -15.53 -11.59 -9.45
N SER A 322 -14.45 -10.94 -9.00
CA SER A 322 -13.09 -11.31 -9.38
C SER A 322 -12.40 -12.20 -8.34
N ALA A 323 -11.60 -13.15 -8.80
CA ALA A 323 -10.70 -13.84 -7.90
C ALA A 323 -9.57 -12.86 -7.55
N SER A 324 -8.82 -13.13 -6.47
CA SER A 324 -7.79 -12.19 -6.06
CA SER A 324 -7.83 -12.18 -6.01
C SER A 324 -6.74 -12.80 -5.14
N PHE A 325 -5.60 -12.12 -5.07
CA PHE A 325 -4.55 -12.44 -4.11
C PHE A 325 -4.49 -11.29 -3.09
N ILE A 326 -3.86 -11.51 -1.94
CA ILE A 326 -3.70 -10.44 -0.97
C ILE A 326 -2.67 -10.85 0.05
N ASP A 327 -1.88 -9.89 0.53
CA ASP A 327 -0.85 -10.12 1.55
C ASP A 327 0.23 -11.09 1.08
N SER A 328 1.32 -10.55 0.53
CA SER A 328 2.44 -11.41 0.16
C SER A 328 3.58 -11.36 1.17
N SER A 329 4.43 -12.39 1.13
CA SER A 329 5.59 -12.49 2.01
C SER A 329 6.71 -13.19 1.24
N ILE A 330 7.96 -12.77 1.46
CA ILE A 330 9.12 -13.25 0.70
C ILE A 330 10.19 -13.85 1.63
N VAL A 331 10.87 -14.88 1.16
CA VAL A 331 12.05 -15.41 1.85
C VAL A 331 13.02 -15.99 0.82
N GLU A 332 14.30 -16.08 1.17
CA GLU A 332 15.26 -16.69 0.25
C GLU A 332 15.87 -17.94 0.87
N ASP A 333 15.97 -19.02 0.09
CA ASP A 333 16.52 -20.28 0.59
C ASP A 333 17.98 -20.44 0.18
N LYS A 334 18.88 -20.48 1.18
CA LYS A 334 20.31 -20.59 0.94
C LYS A 334 20.66 -21.85 0.15
N LYS A 335 19.97 -22.93 0.47
CA LYS A 335 20.30 -24.25 -0.07
C LYS A 335 20.06 -24.34 -1.58
N SER A 336 18.83 -24.12 -2.00
CA SER A 336 18.48 -24.22 -3.42
C SER A 336 18.88 -22.94 -4.16
N GLY A 337 18.94 -21.83 -3.44
CA GLY A 337 19.15 -20.52 -4.05
C GLY A 337 17.85 -19.90 -4.53
N LYS A 338 16.74 -20.63 -4.39
CA LYS A 338 15.43 -20.15 -4.81
C LYS A 338 14.92 -19.00 -3.95
N THR A 339 14.10 -18.15 -4.56
CA THR A 339 13.32 -17.16 -3.84
C THR A 339 11.91 -17.71 -3.74
N ILE A 340 11.30 -17.59 -2.57
CA ILE A 340 9.97 -18.14 -2.34
C ILE A 340 9.02 -17.02 -1.92
N LEU A 341 7.85 -16.98 -2.53
CA LEU A 341 6.85 -15.97 -2.26
C LEU A 341 5.51 -16.65 -2.00
N LEU A 342 4.89 -16.31 -0.87
CA LEU A 342 3.55 -16.78 -0.52
C LEU A 342 2.61 -15.58 -0.53
N ALA A 343 1.34 -15.83 -0.84
CA ALA A 343 0.27 -14.83 -0.69
C ALA A 343 -1.03 -15.57 -0.34
N ASP A 344 -2.01 -14.89 0.25
CA ASP A 344 -3.35 -15.48 0.38
C ASP A 344 -3.98 -15.50 -1.01
N VAL A 345 -4.90 -16.45 -1.24
CA VAL A 345 -5.68 -16.49 -2.47
C VAL A 345 -7.16 -16.60 -2.18
N MET A 346 -7.96 -15.86 -2.94
CA MET A 346 -9.41 -15.84 -2.79
C MET A 346 -10.07 -16.20 -4.11
N PRO A 347 -11.04 -17.13 -4.07
CA PRO A 347 -11.82 -17.31 -5.28
C PRO A 347 -12.78 -16.15 -5.47
N ALA A 348 -13.39 -16.08 -6.66
CA ALA A 348 -14.20 -14.95 -7.09
C ALA A 348 -15.27 -14.57 -6.06
N GLY A 349 -15.32 -13.28 -5.75
CA GLY A 349 -16.28 -12.75 -4.80
C GLY A 349 -15.88 -12.85 -3.34
N ILE A 350 -14.72 -13.45 -3.05
CA ILE A 350 -14.38 -13.79 -1.66
C ILE A 350 -13.35 -12.88 -0.99
N GLY A 351 -13.65 -12.48 0.24
CA GLY A 351 -12.71 -11.81 1.13
C GLY A 351 -12.71 -12.58 2.45
N ASN A 352 -12.00 -12.07 3.46
CA ASN A 352 -12.06 -12.72 4.76
C ASN A 352 -13.46 -12.58 5.37
N ASN A 353 -14.17 -11.53 4.95
CA ASN A 353 -15.52 -11.23 5.43
C ASN A 353 -16.52 -12.36 5.18
N ASN A 354 -16.45 -12.95 3.98
CA ASN A 354 -17.39 -14.00 3.59
C ASN A 354 -16.73 -15.34 3.31
N ALA A 355 -15.48 -15.50 3.75
CA ALA A 355 -14.75 -16.77 3.54
C ALA A 355 -15.42 -17.87 4.36
N ASN A 356 -15.67 -19.01 3.72
CA ASN A 356 -16.25 -20.17 4.40
C ASN A 356 -15.38 -20.57 5.59
N LYS A 357 -15.75 -20.09 6.77
CA LYS A 357 -14.93 -20.21 7.97
C LYS A 357 -14.85 -21.66 8.47
N ALA A 358 -15.84 -22.47 8.11
CA ALA A 358 -15.95 -23.84 8.61
C ALA A 358 -15.28 -24.90 7.71
N ASP A 359 -14.65 -24.45 6.63
CA ASP A 359 -14.18 -25.39 5.61
C ASP A 359 -12.79 -25.02 5.13
N SER A 360 -11.86 -25.98 5.15
CA SER A 360 -10.53 -25.78 4.59
C SER A 360 -10.54 -25.78 3.06
N GLY A 361 -11.60 -26.32 2.47
CA GLY A 361 -11.66 -26.45 1.02
C GLY A 361 -10.98 -27.72 0.50
N PHE A 362 -10.45 -28.52 1.43
CA PHE A 362 -9.85 -29.80 1.07
C PHE A 362 -10.61 -30.96 1.73
N LYS A 363 -10.55 -32.13 1.11
CA LYS A 363 -11.08 -33.35 1.72
C LYS A 363 -9.91 -34.26 2.12
N GLU A 364 -9.95 -34.81 3.34
CA GLU A 364 -8.90 -35.72 3.77
C GLU A 364 -9.19 -37.14 3.30
N ILE A 365 -8.18 -37.77 2.73
CA ILE A 365 -8.25 -39.20 2.41
C ILE A 365 -6.91 -39.86 2.74
N ASN A 366 -6.90 -40.66 3.80
CA ASN A 366 -5.73 -41.42 4.22
C ASN A 366 -4.50 -40.57 4.56
N GLY A 367 -4.72 -39.41 5.16
CA GLY A 367 -3.63 -38.54 5.56
C GLY A 367 -3.20 -37.60 4.46
N HIS A 368 -3.88 -37.69 3.32
CA HIS A 368 -3.62 -36.78 2.20
C HIS A 368 -4.80 -35.84 1.98
N TYR A 369 -4.52 -34.64 1.46
CA TYR A 369 -5.55 -33.65 1.27
C TYR A 369 -5.77 -33.34 -0.21
N TYR A 370 -7.04 -33.38 -0.64
CA TYR A 370 -7.38 -33.09 -2.03
C TYR A 370 -8.32 -31.89 -2.14
N LEU A 371 -7.99 -30.98 -3.06
CA LEU A 371 -8.79 -29.77 -3.26
C LEU A 371 -10.21 -30.15 -3.70
N LYS A 372 -11.21 -29.63 -3.00
CA LYS A 372 -12.60 -29.93 -3.36
C LYS A 372 -13.08 -29.03 -4.51
N LEU A 373 -14.05 -29.53 -5.28
CA LEU A 373 -14.61 -28.79 -6.41
C LEU A 373 -16.13 -29.00 -6.51
N LYS A 374 -16.84 -27.94 -6.88
CA LYS A 374 -18.27 -28.05 -7.14
C LYS A 374 -18.54 -27.80 -8.62
N LYS A 375 -19.33 -28.68 -9.23
CA LYS A 375 -19.68 -28.51 -10.65
C LYS A 375 -20.94 -27.66 -10.83
N ASN A 376 -20.97 -26.88 -11.91
CA ASN A 376 -22.14 -26.12 -12.35
C ASN A 376 -23.43 -26.92 -12.22
N GLY A 377 -24.29 -26.52 -11.28
CA GLY A 377 -25.58 -27.15 -11.10
C GLY A 377 -25.75 -27.98 -9.83
N ASP A 378 -24.65 -28.48 -9.29
CA ASP A 378 -24.71 -29.26 -8.06
C ASP A 378 -24.93 -28.35 -6.85
N ASN A 379 -25.60 -28.88 -5.83
CA ASN A 379 -25.80 -28.13 -4.59
C ASN A 379 -24.62 -28.30 -3.65
N ASP A 380 -23.89 -29.39 -3.83
CA ASP A 380 -22.76 -29.71 -2.94
C ASP A 380 -21.46 -29.86 -3.72
N PHE A 381 -20.36 -30.04 -3.00
CA PHE A 381 -19.07 -30.28 -3.62
C PHE A 381 -18.84 -31.80 -3.77
N ARG A 382 -19.05 -32.32 -4.97
CA ARG A 382 -18.99 -33.77 -5.17
C ARG A 382 -17.77 -34.17 -5.99
N TYR A 383 -16.77 -33.30 -6.03
CA TYR A 383 -15.57 -33.58 -6.79
C TYR A 383 -14.29 -33.24 -6.01
N THR A 384 -13.19 -33.88 -6.39
CA THR A 384 -11.87 -33.55 -5.85
C THR A 384 -10.85 -33.54 -6.96
N VAL A 385 -9.70 -32.90 -6.70
CA VAL A 385 -8.57 -32.91 -7.61
C VAL A 385 -7.49 -33.83 -7.05
N ARG A 386 -7.32 -35.00 -7.67
CA ARG A 386 -6.33 -35.98 -7.22
C ARG A 386 -5.00 -35.76 -7.89
N GLU A 387 -4.09 -36.73 -7.73
CA GLU A 387 -2.77 -36.65 -8.32
C GLU A 387 -2.84 -36.47 -9.83
N ASN A 388 -1.87 -35.72 -10.36
CA ASN A 388 -1.82 -35.36 -11.78
C ASN A 388 -3.05 -34.56 -12.24
N GLY A 389 -3.72 -33.95 -11.28
CA GLY A 389 -4.80 -33.03 -11.56
C GLY A 389 -6.08 -33.69 -12.05
N VAL A 390 -6.18 -35.00 -11.91
CA VAL A 390 -7.37 -35.72 -12.34
C VAL A 390 -8.59 -35.33 -11.50
N VAL A 391 -9.59 -34.73 -12.16
CA VAL A 391 -10.84 -34.43 -11.47
C VAL A 391 -11.60 -35.73 -11.25
N TYR A 392 -12.01 -35.92 -10.00
CA TYR A 392 -12.50 -37.20 -9.52
C TYR A 392 -13.86 -36.97 -8.89
N ASN A 393 -14.83 -37.80 -9.27
CA ASN A 393 -16.18 -37.69 -8.74
C ASN A 393 -16.28 -38.50 -7.45
N GLU A 394 -16.78 -37.87 -6.40
CA GLU A 394 -16.77 -38.47 -5.06
C GLU A 394 -18.03 -39.28 -4.74
N THR A 395 -19.14 -38.91 -5.34
CA THR A 395 -20.42 -39.57 -5.07
C THR A 395 -20.42 -41.01 -5.55
N THR A 396 -19.61 -41.27 -6.59
CA THR A 396 -19.54 -42.59 -7.18
C THR A 396 -18.09 -43.07 -7.30
N ASN A 397 -17.17 -42.31 -6.72
CA ASN A 397 -15.74 -42.65 -6.77
C ASN A 397 -15.19 -42.88 -8.17
N LYS A 398 -15.91 -42.38 -9.17
CA LYS A 398 -15.47 -42.47 -10.55
C LYS A 398 -14.63 -41.24 -10.89
N PRO A 399 -13.55 -41.43 -11.66
CA PRO A 399 -12.85 -40.27 -12.20
C PRO A 399 -13.59 -39.70 -13.42
N THR A 400 -13.20 -38.51 -13.87
CA THR A 400 -13.90 -37.85 -14.97
C THR A 400 -12.98 -37.62 -16.15
N ASN A 401 -13.53 -37.07 -17.22
CA ASN A 401 -12.71 -36.69 -18.36
C ASN A 401 -12.11 -35.29 -18.16
N TYR A 402 -12.31 -34.73 -16.96
CA TYR A 402 -11.78 -33.40 -16.66
C TYR A 402 -10.49 -33.47 -15.86
N THR A 403 -9.53 -32.63 -16.20
CA THR A 403 -8.31 -32.48 -15.40
C THR A 403 -8.03 -31.01 -15.09
N ILE A 404 -7.34 -30.78 -13.98
CA ILE A 404 -6.87 -29.47 -13.61
C ILE A 404 -5.38 -29.37 -13.88
N ASN A 405 -4.96 -28.43 -14.73
CA ASN A 405 -3.54 -28.29 -14.96
C ASN A 405 -2.81 -27.60 -13.81
N ASP A 406 -1.56 -27.21 -14.05
CA ASP A 406 -0.76 -26.65 -12.97
CA ASP A 406 -0.69 -26.62 -13.04
C ASP A 406 -1.05 -25.17 -12.75
N LYS A 407 -1.76 -24.54 -13.69
CA LYS A 407 -2.20 -23.16 -13.49
C LYS A 407 -3.62 -23.12 -12.94
N TYR A 408 -4.06 -24.26 -12.40
CA TYR A 408 -5.42 -24.42 -11.86
C TYR A 408 -6.48 -24.12 -12.91
N GLU A 409 -6.12 -24.39 -14.17
CA GLU A 409 -7.05 -24.24 -15.28
C GLU A 409 -7.73 -25.57 -15.63
N VAL A 410 -8.96 -25.48 -16.12
CA VAL A 410 -9.75 -26.69 -16.39
C VAL A 410 -9.55 -27.18 -17.83
N LEU A 411 -9.25 -28.47 -17.95
CA LEU A 411 -9.12 -29.13 -19.24
C LEU A 411 -10.21 -30.19 -19.35
N GLU A 412 -10.83 -30.31 -20.52
CA GLU A 412 -11.72 -31.45 -20.77
C GLU A 412 -11.10 -32.32 -21.87
N GLY A 413 -10.78 -33.56 -21.53
CA GLY A 413 -10.12 -34.46 -22.45
C GLY A 413 -8.83 -33.91 -23.02
N GLY A 414 -8.17 -33.05 -22.26
CA GLY A 414 -6.92 -32.46 -22.70
C GLY A 414 -7.07 -31.14 -23.44
N LYS A 415 -8.32 -30.75 -23.71
CA LYS A 415 -8.60 -29.47 -24.36
C LYS A 415 -8.91 -28.42 -23.29
N SER A 416 -8.26 -27.28 -23.39
CA SER A 416 -8.42 -26.24 -22.39
C SER A 416 -9.72 -25.45 -22.58
N LEU A 417 -10.56 -25.46 -21.56
CA LEU A 417 -11.79 -24.68 -21.57
C LEU A 417 -11.49 -23.21 -21.27
N THR A 418 -12.40 -22.33 -21.68
CA THR A 418 -12.23 -20.89 -21.51
C THR A 418 -13.47 -20.24 -20.89
N VAL A 419 -13.29 -19.02 -20.39
CA VAL A 419 -14.41 -18.21 -19.95
C VAL A 419 -14.21 -16.84 -20.55
N GLU A 420 -15.28 -16.06 -20.61
CA GLU A 420 -15.18 -14.71 -21.12
C GLU A 420 -14.74 -13.79 -19.98
N GLN A 421 -13.76 -12.94 -20.26
CA GLN A 421 -13.23 -12.02 -19.26
C GLN A 421 -14.22 -10.90 -18.93
N TYR A 422 -14.08 -10.32 -17.74
CA TYR A 422 -14.87 -9.15 -17.34
C TYR A 422 -14.00 -7.89 -17.34
N SER A 423 -14.65 -6.76 -17.62
CA SER A 423 -14.06 -5.44 -17.38
C SER A 423 -15.02 -4.67 -16.51
N VAL A 424 -14.52 -3.67 -15.77
CA VAL A 424 -15.40 -2.87 -14.91
C VAL A 424 -15.44 -1.42 -15.38
N ASP A 425 -16.54 -0.73 -15.08
CA ASP A 425 -16.67 0.70 -15.42
C ASP A 425 -17.75 1.38 -14.57
N PHE A 426 -17.64 2.71 -14.45
CA PHE A 426 -18.62 3.49 -13.71
C PHE A 426 -19.41 4.39 -14.67
N ASP A 427 -19.49 3.99 -15.93
CA ASP A 427 -20.15 4.82 -16.94
C ASP A 427 -21.62 5.09 -16.64
N SER A 428 -22.29 4.13 -16.04
CA SER A 428 -23.71 4.27 -15.73
C SER A 428 -23.95 5.11 -14.47
N GLY A 429 -22.87 5.48 -13.79
CA GLY A 429 -22.99 6.22 -12.54
C GLY A 429 -22.92 5.31 -11.33
N SER A 430 -22.78 4.01 -11.58
CA SER A 430 -22.50 3.06 -10.52
C SER A 430 -21.62 1.94 -11.09
N LEU A 431 -21.02 1.13 -10.22
CA LEU A 431 -20.09 0.11 -10.72
C LEU A 431 -20.84 -0.96 -11.52
N ARG A 432 -20.35 -1.24 -12.73
CA ARG A 432 -20.81 -2.37 -13.53
C ARG A 432 -19.65 -3.31 -13.80
N GLU A 433 -19.92 -4.61 -13.74
CA GLU A 433 -18.92 -5.60 -14.10
C GLU A 433 -19.48 -6.41 -15.26
N ARG A 434 -18.83 -6.34 -16.42
CA ARG A 434 -19.40 -7.02 -17.58
C ARG A 434 -18.42 -7.66 -18.54
N HIS A 435 -18.90 -8.70 -19.21
CA HIS A 435 -18.12 -9.41 -20.22
C HIS A 435 -17.59 -8.46 -21.29
N ASN A 436 -16.34 -8.70 -21.70
CA ASN A 436 -15.67 -7.77 -22.61
C ASN A 436 -15.31 -8.32 -23.98
N GLY A 437 -15.74 -9.56 -24.26
CA GLY A 437 -15.52 -10.18 -25.56
C GLY A 437 -14.28 -11.07 -25.64
N LYS A 438 -13.44 -11.00 -24.62
CA LYS A 438 -12.17 -11.72 -24.64
C LYS A 438 -12.22 -13.03 -23.85
N GLN A 439 -11.72 -14.11 -24.45
CA GLN A 439 -11.68 -15.41 -23.79
C GLN A 439 -10.35 -15.63 -23.09
N VAL A 440 -10.41 -16.23 -21.91
CA VAL A 440 -9.21 -16.57 -21.15
C VAL A 440 -9.38 -17.97 -20.57
N PRO A 441 -8.26 -18.64 -20.26
CA PRO A 441 -8.33 -20.01 -19.71
C PRO A 441 -9.28 -20.12 -18.53
N MET A 442 -10.06 -21.19 -18.48
CA MET A 442 -11.02 -21.39 -17.41
C MET A 442 -10.32 -21.86 -16.13
N ASN A 443 -10.42 -21.06 -15.06
CA ASN A 443 -9.71 -21.33 -13.80
C ASN A 443 -10.68 -21.61 -12.67
N VAL A 444 -10.40 -22.64 -11.85
CA VAL A 444 -11.32 -23.04 -10.78
C VAL A 444 -11.53 -21.98 -9.70
N PHE A 445 -10.75 -20.91 -9.74
CA PHE A 445 -10.96 -19.80 -8.81
C PHE A 445 -11.92 -18.74 -9.38
N TYR A 446 -12.38 -18.96 -10.61
CA TYR A 446 -13.18 -17.96 -11.33
C TYR A 446 -14.68 -18.10 -11.10
N LYS A 447 -15.42 -17.00 -11.27
CA LYS A 447 -16.87 -17.04 -11.13
C LYS A 447 -17.56 -17.87 -12.22
N ASP A 448 -17.03 -17.80 -13.44
CA ASP A 448 -17.68 -18.39 -14.62
C ASP A 448 -17.22 -19.83 -14.88
N SER A 449 -16.44 -20.39 -13.96
CA SER A 449 -15.85 -21.71 -14.14
C SER A 449 -16.86 -22.86 -13.96
N LEU A 450 -16.68 -23.90 -14.76
CA LEU A 450 -17.49 -25.12 -14.67
C LEU A 450 -17.30 -25.80 -13.31
N PHE A 451 -16.05 -25.81 -12.85
CA PHE A 451 -15.70 -26.33 -11.53
C PHE A 451 -15.14 -25.21 -10.64
N LYS A 452 -15.69 -25.09 -9.43
CA LYS A 452 -15.32 -24.02 -8.51
C LYS A 452 -14.76 -24.58 -7.21
N VAL A 453 -13.72 -23.92 -6.69
CA VAL A 453 -13.20 -24.28 -5.37
C VAL A 453 -14.13 -23.77 -4.30
N THR A 454 -13.90 -24.19 -3.07
CA THR A 454 -14.68 -23.75 -1.92
C THR A 454 -14.49 -22.24 -1.69
N PRO A 455 -15.58 -21.51 -1.43
CA PRO A 455 -15.45 -20.06 -1.20
C PRO A 455 -14.83 -19.76 0.14
N THR A 456 -13.52 -19.89 0.23
CA THR A 456 -12.77 -19.60 1.45
C THR A 456 -11.36 -19.12 1.10
N ASN A 457 -10.55 -18.82 2.11
CA ASN A 457 -9.19 -18.32 1.87
C ASN A 457 -8.15 -19.45 1.85
N TYR A 458 -7.23 -19.37 0.89
CA TYR A 458 -6.14 -20.34 0.75
C TYR A 458 -4.80 -19.60 0.84
N ILE A 459 -3.71 -20.36 0.94
CA ILE A 459 -2.37 -19.78 0.86
C ILE A 459 -1.69 -20.41 -0.36
N ALA A 460 -1.17 -19.56 -1.26
CA ALA A 460 -0.44 -20.05 -2.43
C ALA A 460 1.05 -19.81 -2.26
N MET A 461 1.85 -20.64 -2.91
CA MET A 461 3.30 -20.48 -2.94
C MET A 461 3.76 -20.41 -4.38
N THR A 462 4.67 -19.48 -4.70
CA THR A 462 5.40 -19.55 -5.97
C THR A 462 6.90 -19.46 -5.68
N THR A 463 7.73 -19.78 -6.67
CA THR A 463 9.16 -19.64 -6.48
C THR A 463 9.78 -18.99 -7.71
N SER A 464 10.98 -18.43 -7.54
CA SER A 464 11.74 -17.92 -8.67
C SER A 464 13.16 -18.47 -8.62
N GLN A 465 13.67 -18.91 -9.76
CA GLN A 465 15.04 -19.43 -9.82
C GLN A 465 16.00 -18.39 -10.40
N ASN A 466 15.49 -17.19 -10.68
CA ASN A 466 16.31 -16.11 -11.21
C ASN A 466 16.14 -14.81 -10.42
N ARG A 467 15.96 -14.95 -9.11
CA ARG A 467 15.89 -13.80 -8.22
C ARG A 467 14.88 -12.75 -8.67
N GLY A 468 13.69 -13.19 -9.08
CA GLY A 468 12.58 -12.29 -9.33
C GLY A 468 12.42 -11.80 -10.76
N GLU A 469 13.17 -12.38 -11.69
CA GLU A 469 13.03 -12.07 -13.10
C GLU A 469 11.80 -12.79 -13.68
N SER A 470 11.46 -13.94 -13.12
CA SER A 470 10.21 -14.60 -13.47
C SER A 470 9.77 -15.48 -12.29
N TRP A 471 8.47 -15.76 -12.21
CA TRP A 471 7.92 -16.59 -11.14
C TRP A 471 7.21 -17.80 -11.72
N GLU A 472 7.29 -18.91 -11.02
CA GLU A 472 6.56 -20.11 -11.39
C GLU A 472 5.06 -19.94 -11.17
N GLN A 473 4.29 -20.84 -11.78
CA GLN A 473 2.85 -20.91 -11.47
C GLN A 473 2.71 -21.30 -10.00
N PHE A 474 1.76 -20.67 -9.30
CA PHE A 474 1.64 -20.90 -7.87
C PHE A 474 1.08 -22.29 -7.54
N LYS A 475 1.32 -22.74 -6.32
CA LYS A 475 0.74 -23.98 -5.83
C LYS A 475 0.09 -23.74 -4.48
N LEU A 476 -1.10 -24.30 -4.27
CA LEU A 476 -1.76 -24.18 -2.96
C LEU A 476 -1.02 -24.97 -1.90
N LEU A 477 -0.82 -24.34 -0.74
CA LEU A 477 -0.33 -25.06 0.43
C LEU A 477 -1.48 -25.90 1.01
N PRO A 478 -1.14 -27.03 1.65
CA PRO A 478 -2.17 -27.88 2.27
C PRO A 478 -2.75 -27.24 3.52
N PRO A 479 -3.90 -27.74 3.99
CA PRO A 479 -4.44 -27.27 5.27
C PRO A 479 -3.53 -27.73 6.42
N PHE A 480 -3.43 -26.92 7.48
CA PHE A 480 -2.52 -27.26 8.59
C PHE A 480 -3.26 -27.51 9.88
N LEU A 481 -4.49 -27.02 9.97
CA LEU A 481 -5.27 -27.12 11.20
C LEU A 481 -6.53 -28.00 11.00
N GLY A 482 -6.50 -28.84 9.98
CA GLY A 482 -7.56 -29.82 9.79
C GLY A 482 -8.54 -29.59 8.65
N GLU A 483 -9.25 -30.65 8.30
CA GLU A 483 -10.29 -30.65 7.27
C GLU A 483 -11.27 -29.49 7.40
N LYS A 484 -11.79 -29.29 8.61
CA LYS A 484 -12.92 -28.40 8.82
C LYS A 484 -12.53 -27.08 9.48
N HIS A 485 -11.27 -26.69 9.31
CA HIS A 485 -10.81 -25.38 9.76
C HIS A 485 -10.44 -24.59 8.51
N ASN A 486 -10.94 -23.36 8.37
CA ASN A 486 -10.50 -22.56 7.23
C ASN A 486 -9.02 -22.22 7.40
N GLY A 487 -8.34 -21.88 6.32
CA GLY A 487 -6.90 -21.69 6.37
C GLY A 487 -6.47 -20.45 7.16
N THR A 488 -5.23 -20.43 7.58
CA THR A 488 -4.69 -19.28 8.30
C THR A 488 -4.40 -18.14 7.34
N TYR A 489 -4.06 -16.97 7.89
CA TYR A 489 -3.78 -15.80 7.08
C TYR A 489 -2.27 -15.47 7.08
N LEU A 490 -1.68 -15.35 5.89
CA LEU A 490 -0.26 -15.05 5.81
C LEU A 490 0.03 -13.72 6.47
N CYS A 491 1.13 -13.64 7.21
CA CYS A 491 1.60 -12.36 7.70
C CYS A 491 2.44 -11.73 6.59
N PRO A 492 2.01 -10.56 6.10
CA PRO A 492 2.73 -9.95 4.97
C PRO A 492 4.08 -9.40 5.41
N GLY A 493 5.04 -9.42 4.50
CA GLY A 493 6.36 -8.89 4.78
C GLY A 493 7.42 -9.89 4.38
N GLN A 494 8.20 -10.33 5.37
CA GLN A 494 9.26 -11.30 5.14
C GLN A 494 8.94 -12.64 5.82
N GLY A 495 9.42 -13.72 5.22
CA GLY A 495 9.56 -14.95 5.97
C GLY A 495 10.95 -14.90 6.59
N LEU A 496 11.34 -15.94 7.32
CA LEU A 496 12.64 -15.93 8.02
C LEU A 496 13.48 -17.09 7.56
N ALA A 497 14.68 -16.79 7.07
CA ALA A 497 15.66 -17.82 6.75
C ALA A 497 16.68 -17.85 7.87
N LEU A 498 16.63 -18.90 8.68
CA LEU A 498 17.57 -19.05 9.79
C LEU A 498 19.00 -19.12 9.26
N LYS A 499 19.89 -18.37 9.91
CA LYS A 499 21.26 -18.18 9.40
C LYS A 499 22.12 -19.43 9.49
N SER A 500 21.85 -20.27 10.49
CA SER A 500 22.73 -21.39 10.79
C SER A 500 22.15 -22.74 10.39
N SER A 501 21.07 -22.71 9.63
CA SER A 501 20.49 -23.96 9.10
C SER A 501 19.78 -23.72 7.76
N ASN A 502 19.08 -24.75 7.28
CA ASN A 502 18.27 -24.64 6.08
C ASN A 502 16.80 -24.28 6.37
N ARG A 503 16.49 -23.98 7.63
CA ARG A 503 15.11 -23.81 8.05
C ARG A 503 14.46 -22.53 7.53
N LEU A 504 13.28 -22.67 6.93
CA LEU A 504 12.51 -21.53 6.44
C LEU A 504 11.22 -21.43 7.23
N ILE A 505 10.86 -20.21 7.63
CA ILE A 505 9.64 -20.01 8.40
C ILE A 505 8.80 -18.85 7.86
N PHE A 506 7.51 -19.10 7.69
CA PHE A 506 6.55 -18.04 7.37
C PHE A 506 5.51 -17.99 8.49
N ALA A 507 5.33 -16.81 9.09
CA ALA A 507 4.32 -16.63 10.12
C ALA A 507 2.97 -16.49 9.43
N THR A 508 1.95 -17.09 10.03
CA THR A 508 0.57 -16.85 9.62
C THR A 508 -0.24 -16.67 10.90
N TYR A 509 -1.47 -16.18 10.77
CA TYR A 509 -2.32 -16.04 11.96
C TYR A 509 -3.72 -16.60 11.73
N THR A 510 -4.35 -17.01 12.83
CA THR A 510 -5.75 -17.41 12.79
C THR A 510 -6.31 -17.04 14.17
N SER A 511 -7.53 -17.44 14.46
CA SER A 511 -8.10 -17.04 15.75
C SER A 511 -7.40 -17.78 16.90
N GLY A 512 -6.93 -17.01 17.88
CA GLY A 512 -6.34 -17.58 19.08
C GLY A 512 -4.87 -17.96 18.99
N GLU A 513 -4.24 -17.81 17.82
CA GLU A 513 -2.82 -18.19 17.69
C GLU A 513 -2.08 -17.64 16.48
N LEU A 514 -0.75 -17.63 16.59
CA LEU A 514 0.11 -17.54 15.43
C LEU A 514 0.37 -18.97 15.00
N THR A 515 0.34 -19.19 13.69
CA THR A 515 0.63 -20.50 13.15
C THR A 515 1.82 -20.37 12.20
N TYR A 516 2.99 -20.78 12.70
CA TYR A 516 4.22 -20.69 11.93
C TYR A 516 4.31 -21.87 10.99
N LEU A 517 4.64 -21.58 9.74
CA LEU A 517 4.84 -22.62 8.74
C LEU A 517 6.34 -22.83 8.56
N ILE A 518 6.78 -24.07 8.76
CA ILE A 518 8.19 -24.40 8.84
C ILE A 518 8.59 -25.42 7.76
N SER A 519 9.65 -25.09 7.02
CA SER A 519 10.19 -26.00 6.01
C SER A 519 11.70 -26.17 6.17
N ASP A 520 12.16 -27.41 6.10
CA ASP A 520 13.59 -27.69 6.17
C ASP A 520 14.11 -28.24 4.84
N ASP A 521 13.23 -28.26 3.83
CA ASP A 521 13.61 -28.81 2.53
C ASP A 521 13.27 -27.87 1.37
N SER A 522 13.68 -26.61 1.50
CA SER A 522 13.50 -25.60 0.44
C SER A 522 12.03 -25.42 0.08
N GLY A 523 11.15 -25.57 1.06
CA GLY A 523 9.75 -25.27 0.82
C GLY A 523 8.98 -26.32 0.04
N GLN A 524 9.55 -27.52 -0.10
CA GLN A 524 8.82 -28.62 -0.72
C GLN A 524 7.75 -29.20 0.22
N THR A 525 8.06 -29.22 1.52
CA THR A 525 7.08 -29.64 2.53
C THR A 525 7.09 -28.67 3.71
N TRP A 526 5.90 -28.46 4.28
CA TRP A 526 5.74 -27.54 5.40
C TRP A 526 5.09 -28.25 6.57
N LYS A 527 5.47 -27.85 7.79
CA LYS A 527 4.75 -28.30 8.98
C LYS A 527 4.39 -27.06 9.77
N LYS A 528 3.44 -27.18 10.70
CA LYS A 528 3.05 -25.99 11.45
C LYS A 528 3.59 -26.03 12.87
N SER A 529 3.79 -24.85 13.44
CA SER A 529 4.11 -24.73 14.86
C SER A 529 3.15 -23.69 15.43
N SER A 530 2.24 -24.13 16.28
CA SER A 530 1.21 -23.25 16.82
C SER A 530 1.66 -22.54 18.10
N ALA A 531 1.37 -21.25 18.18
CA ALA A 531 1.73 -20.44 19.33
C ALA A 531 0.51 -19.63 19.77
N SER A 532 -0.12 -20.10 20.84
CA SER A 532 -1.28 -19.43 21.42
C SER A 532 -1.03 -17.95 21.74
N ILE A 533 -2.00 -17.12 21.43
CA ILE A 533 -1.97 -15.72 21.83
C ILE A 533 -3.30 -15.39 22.52
N PRO A 534 -3.26 -14.49 23.53
CA PRO A 534 -4.47 -14.16 24.31
C PRO A 534 -5.41 -13.21 23.60
N PHE A 535 -5.74 -13.53 22.35
CA PHE A 535 -6.68 -12.72 21.58
C PHE A 535 -7.54 -13.66 20.76
N LYS A 536 -8.82 -13.30 20.63
CA LYS A 536 -9.66 -13.98 19.65
C LYS A 536 -9.84 -13.02 18.48
N ASN A 537 -9.91 -13.60 17.28
CA ASN A 537 -10.12 -12.86 16.04
C ASN A 537 -9.30 -11.56 15.91
N ALA A 538 -8.00 -11.66 16.17
CA ALA A 538 -7.12 -10.52 15.96
C ALA A 538 -6.46 -10.63 14.59
N THR A 539 -6.18 -9.49 13.99
CA THR A 539 -5.38 -9.45 12.79
C THR A 539 -3.94 -9.42 13.28
N ALA A 540 -3.45 -10.57 13.72
CA ALA A 540 -2.17 -10.63 14.42
C ALA A 540 -1.02 -10.74 13.42
N GLU A 541 -0.84 -9.71 12.62
CA GLU A 541 0.25 -9.70 11.64
C GLU A 541 1.59 -9.68 12.38
N ALA A 542 2.42 -10.68 12.10
CA ALA A 542 3.65 -10.94 12.86
C ALA A 542 4.86 -10.99 11.96
N GLN A 543 5.95 -10.37 12.39
CA GLN A 543 7.23 -10.47 11.69
C GLN A 543 8.33 -10.90 12.65
N MET A 544 9.31 -11.66 12.16
CA MET A 544 10.33 -12.27 13.00
C MET A 544 11.72 -11.67 12.78
N VAL A 545 12.53 -11.72 13.84
CA VAL A 545 13.97 -11.46 13.73
C VAL A 545 14.74 -12.58 14.44
N GLU A 546 15.92 -12.93 13.93
CA GLU A 546 16.77 -13.88 14.63
C GLU A 546 17.72 -13.09 15.53
N LEU A 547 17.49 -13.11 16.84
CA LEU A 547 18.35 -12.38 17.78
C LEU A 547 19.76 -12.96 17.78
N ARG A 548 19.84 -14.28 17.83
CA ARG A 548 21.10 -15.01 17.68
C ARG A 548 20.71 -16.41 17.22
N ASP A 549 21.70 -17.22 16.88
CA ASP A 549 21.45 -18.54 16.31
CA ASP A 549 21.50 -18.56 16.33
C ASP A 549 20.39 -19.34 17.07
N GLY A 550 19.31 -19.66 16.37
CA GLY A 550 18.22 -20.44 16.93
C GLY A 550 17.23 -19.68 17.79
N VAL A 551 17.50 -18.39 18.02
CA VAL A 551 16.64 -17.56 18.87
C VAL A 551 15.87 -16.58 17.99
N ILE A 552 14.55 -16.77 17.93
CA ILE A 552 13.66 -15.96 17.11
C ILE A 552 12.76 -15.11 17.98
N ARG A 553 12.76 -13.79 17.78
CA ARG A 553 11.71 -12.97 18.38
C ARG A 553 10.74 -12.49 17.30
N THR A 554 9.46 -12.70 17.58
CA THR A 554 8.40 -12.30 16.67
C THR A 554 7.70 -11.09 17.25
N PHE A 555 7.54 -10.03 16.46
CA PHE A 555 6.77 -8.87 16.91
C PHE A 555 5.45 -8.85 16.18
N PHE A 556 4.35 -8.65 16.91
CA PHE A 556 3.07 -8.68 16.22
C PHE A 556 2.03 -7.67 16.65
N ARG A 557 1.12 -7.43 15.71
CA ARG A 557 0.00 -6.51 15.86
C ARG A 557 -1.05 -7.14 16.77
N THR A 558 -1.70 -6.33 17.62
CA THR A 558 -2.70 -6.86 18.53
C THR A 558 -3.94 -5.97 18.54
N THR A 559 -4.81 -6.16 19.53
CA THR A 559 -5.97 -5.29 19.69
C THR A 559 -5.90 -4.46 20.97
N THR A 560 -4.70 -4.33 21.54
CA THR A 560 -4.51 -3.73 22.86
C THR A 560 -3.90 -2.34 22.84
N GLY A 561 -3.47 -1.89 21.66
CA GLY A 561 -2.80 -0.60 21.54
C GLY A 561 -1.29 -0.68 21.72
N LYS A 562 -0.79 -1.87 22.01
CA LYS A 562 0.64 -2.11 22.12
C LYS A 562 1.04 -3.26 21.22
N ILE A 563 2.25 -3.17 20.68
CA ILE A 563 2.83 -4.25 19.88
C ILE A 563 3.26 -5.35 20.85
N ALA A 564 2.98 -6.60 20.47
CA ALA A 564 3.34 -7.75 21.29
C ALA A 564 4.55 -8.46 20.73
N TYR A 565 5.10 -9.38 21.51
CA TYR A 565 6.18 -10.24 21.03
C TYR A 565 6.19 -11.58 21.76
N MET A 566 6.82 -12.57 21.14
CA MET A 566 7.06 -13.85 21.78
C MET A 566 8.42 -14.33 21.29
N THR A 567 8.99 -15.30 21.98
CA THR A 567 10.35 -15.73 21.63
C THR A 567 10.43 -17.24 21.51
N SER A 568 11.15 -17.70 20.49
CA SER A 568 11.48 -19.11 20.36
C SER A 568 12.98 -19.29 20.54
N ARG A 569 13.39 -20.38 21.16
CA ARG A 569 14.82 -20.66 21.36
C ARG A 569 15.23 -21.97 20.72
N ASP A 570 14.32 -22.58 19.98
CA ASP A 570 14.63 -23.84 19.32
C ASP A 570 14.24 -23.76 17.86
N SER A 571 14.63 -22.64 17.24
CA SER A 571 14.38 -22.38 15.83
C SER A 571 12.92 -22.56 15.41
N GLY A 572 11.99 -22.16 16.29
CA GLY A 572 10.57 -22.14 15.93
C GLY A 572 9.74 -23.34 16.37
N GLU A 573 10.37 -24.31 17.03
CA GLU A 573 9.63 -25.49 17.50
C GLU A 573 8.66 -25.10 18.61
N THR A 574 9.15 -24.35 19.60
CA THR A 574 8.32 -23.94 20.73
C THR A 574 8.37 -22.44 20.91
N TRP A 575 7.33 -21.88 21.51
CA TRP A 575 7.20 -20.43 21.67
C TRP A 575 6.87 -20.00 23.07
N SER A 576 7.43 -18.87 23.51
CA SER A 576 7.18 -18.30 24.83
C SER A 576 5.77 -17.75 24.95
N LYS A 577 5.41 -17.33 26.15
CA LYS A 577 4.21 -16.54 26.37
C LYS A 577 4.38 -15.18 25.70
N VAL A 578 3.29 -14.40 25.66
CA VAL A 578 3.26 -13.11 24.98
C VAL A 578 3.59 -11.93 25.90
N SER A 579 4.52 -11.07 25.49
CA SER A 579 4.80 -9.85 26.24
C SER A 579 4.50 -8.66 25.35
N TYR A 580 4.55 -7.46 25.91
CA TYR A 580 4.21 -6.28 25.13
C TYR A 580 5.32 -5.24 25.21
N ILE A 581 5.49 -4.48 24.13
CA ILE A 581 6.46 -3.39 24.10
C ILE A 581 5.87 -2.13 24.72
N ASP A 582 6.57 -1.54 25.68
CA ASP A 582 6.20 -0.22 26.19
C ASP A 582 6.99 0.80 25.40
N GLY A 583 6.45 2.00 25.24
CA GLY A 583 7.17 3.06 24.55
C GLY A 583 6.75 3.25 23.09
N ILE A 584 5.95 2.33 22.58
CA ILE A 584 5.31 2.54 21.28
C ILE A 584 3.81 2.38 21.43
N GLN A 585 3.04 3.30 20.84
CA GLN A 585 1.59 3.18 20.83
C GLN A 585 1.03 2.84 19.45
N GLN A 586 0.06 1.94 19.40
CA GLN A 586 -0.74 1.75 18.19
C GLN A 586 -2.19 2.01 18.54
N THR A 587 -3.03 2.08 17.52
CA THR A 587 -4.47 2.21 17.72
C THR A 587 -5.01 0.90 18.24
N SER A 588 -6.27 0.93 18.68
CA SER A 588 -6.95 -0.27 19.15
C SER A 588 -7.00 -1.36 18.08
N TYR A 589 -7.08 -0.97 16.81
CA TYR A 589 -7.20 -1.97 15.73
C TYR A 589 -5.84 -2.43 15.21
N GLY A 590 -4.81 -1.61 15.47
CA GLY A 590 -3.44 -2.02 15.21
C GLY A 590 -2.99 -1.81 13.77
N THR A 591 -1.69 -1.95 13.54
CA THR A 591 -1.12 -1.83 12.21
C THR A 591 0.04 -2.82 12.10
N GLN A 592 0.23 -3.35 10.89
CA GLN A 592 1.38 -4.18 10.61
C GLN A 592 2.66 -3.52 11.10
N VAL A 593 3.58 -4.36 11.60
CA VAL A 593 4.89 -3.89 12.07
C VAL A 593 5.95 -4.69 11.31
N SER A 594 6.95 -4.00 10.77
CA SER A 594 8.04 -4.70 10.11
C SER A 594 9.30 -4.60 10.97
N ALA A 595 10.22 -5.54 10.77
CA ALA A 595 11.35 -5.66 11.71
C ALA A 595 12.51 -6.44 11.10
N ILE A 596 13.71 -5.98 11.42
CA ILE A 596 14.91 -6.68 11.00
C ILE A 596 15.97 -6.72 12.09
N LYS A 597 16.84 -7.71 11.98
CA LYS A 597 18.05 -7.78 12.78
CA LYS A 597 18.04 -7.77 12.78
C LYS A 597 19.15 -7.06 12.01
N TYR A 598 19.63 -5.94 12.55
CA TYR A 598 20.69 -5.18 11.87
C TYR A 598 22.01 -5.95 11.93
N SER A 599 22.80 -5.92 10.84
CA SER A 599 24.03 -6.71 10.80
C SER A 599 25.16 -6.15 11.67
N GLN A 600 25.12 -4.84 11.93
CA GLN A 600 26.22 -4.18 12.62
C GLN A 600 25.84 -3.85 14.05
N LEU A 601 26.82 -3.83 14.94
CA LEU A 601 26.57 -3.49 16.34
C LEU A 601 26.28 -1.99 16.43
N ILE A 602 25.51 -1.60 17.45
CA ILE A 602 25.23 -0.19 17.69
C ILE A 602 25.43 0.10 19.16
N ASP A 603 26.24 1.11 19.47
CA ASP A 603 26.68 1.36 20.85
C ASP A 603 27.21 0.07 21.47
N GLY A 604 27.88 -0.74 20.65
CA GLY A 604 28.52 -1.97 21.09
C GLY A 604 27.54 -3.12 21.32
N LYS A 605 26.29 -2.95 20.88
CA LYS A 605 25.29 -3.96 21.15
C LYS A 605 24.61 -4.47 19.87
N GLU A 606 24.09 -5.69 19.93
CA GLU A 606 23.29 -6.25 18.85
C GLU A 606 22.00 -5.44 18.74
N ALA A 607 21.58 -5.15 17.52
CA ALA A 607 20.44 -4.27 17.32
C ALA A 607 19.36 -4.85 16.43
N VAL A 608 18.13 -4.43 16.73
CA VAL A 608 16.94 -4.80 16.01
C VAL A 608 16.25 -3.49 15.68
N ILE A 609 15.72 -3.36 14.47
CA ILE A 609 14.99 -2.14 14.10
C ILE A 609 13.53 -2.47 13.77
N LEU A 610 12.60 -1.74 14.39
CA LEU A 610 11.16 -1.90 14.14
C LEU A 610 10.64 -0.71 13.36
N SER A 611 9.67 -0.98 12.48
CA SER A 611 9.01 0.06 11.70
C SER A 611 7.50 -0.03 11.94
N THR A 612 6.92 1.08 12.39
CA THR A 612 5.52 1.11 12.81
C THR A 612 5.05 2.56 12.94
N PRO A 613 3.73 2.80 12.78
CA PRO A 613 3.24 4.10 13.22
C PRO A 613 3.40 4.16 14.75
N ASN A 614 3.57 5.35 15.30
CA ASN A 614 3.55 5.50 16.76
C ASN A 614 2.47 6.50 17.12
N SER A 615 1.28 5.99 17.41
CA SER A 615 0.11 6.86 17.60
C SER A 615 -1.05 6.02 18.11
N ARG A 616 -1.78 6.53 19.09
CA ARG A 616 -2.95 5.80 19.60
C ARG A 616 -4.22 6.27 18.89
N SER A 617 -4.06 7.24 17.99
CA SER A 617 -5.17 7.89 17.32
C SER A 617 -5.41 7.41 15.88
N GLY A 618 -4.33 7.32 15.10
CA GLY A 618 -4.49 6.91 13.71
C GLY A 618 -3.23 6.24 13.20
N ARG A 619 -3.19 5.93 11.90
CA ARG A 619 -1.99 5.39 11.28
C ARG A 619 -1.18 6.58 10.78
N LYS A 620 -0.40 7.15 11.68
CA LYS A 620 0.39 8.34 11.40
C LYS A 620 1.52 8.34 12.43
N GLY A 621 2.45 9.27 12.32
CA GLY A 621 3.60 9.30 13.21
C GLY A 621 4.55 8.13 12.99
N GLY A 622 4.89 7.88 11.73
CA GLY A 622 5.77 6.77 11.42
C GLY A 622 7.13 6.88 12.10
N GLN A 623 7.60 5.76 12.63
CA GLN A 623 8.93 5.71 13.25
C GLN A 623 9.69 4.45 12.88
N LEU A 624 11.02 4.58 12.87
CA LEU A 624 11.88 3.42 12.97
C LEU A 624 12.38 3.46 14.41
N VAL A 625 12.24 2.35 15.14
CA VAL A 625 12.69 2.35 16.53
C VAL A 625 13.85 1.37 16.64
N VAL A 626 14.98 1.87 17.14
CA VAL A 626 16.18 1.04 17.24
C VAL A 626 16.28 0.46 18.65
N GLY A 627 16.32 -0.87 18.72
CA GLY A 627 16.44 -1.53 20.00
C GLY A 627 17.77 -2.24 20.13
N LEU A 628 18.36 -2.16 21.33
CA LEU A 628 19.62 -2.85 21.63
C LEU A 628 19.35 -4.08 22.52
N VAL A 629 19.91 -5.21 22.13
CA VAL A 629 19.68 -6.45 22.85
C VAL A 629 20.57 -6.51 24.08
N ASN A 630 19.97 -6.88 25.22
CA ASN A 630 20.72 -7.15 26.43
C ASN A 630 21.10 -8.63 26.43
N LYS A 631 22.39 -8.91 26.27
CA LYS A 631 22.87 -10.28 26.14
C LYS A 631 22.63 -11.14 27.39
N GLU A 632 22.43 -10.51 28.54
CA GLU A 632 22.15 -11.27 29.77
C GLU A 632 20.85 -12.05 29.65
N ASP A 633 19.87 -11.46 28.98
CA ASP A 633 18.52 -12.01 29.03
C ASP A 633 17.69 -11.82 27.75
N ASP A 634 18.33 -11.33 26.70
CA ASP A 634 17.65 -11.11 25.41
C ASP A 634 16.51 -10.09 25.47
N SER A 635 16.50 -9.28 26.53
CA SER A 635 15.54 -8.19 26.60
C SER A 635 16.03 -7.09 25.67
N ILE A 636 15.14 -6.21 25.26
CA ILE A 636 15.49 -5.16 24.31
C ILE A 636 15.22 -3.76 24.85
N ASP A 637 16.27 -2.94 24.85
CA ASP A 637 16.15 -1.53 25.24
CA ASP A 637 16.12 -1.55 25.24
C ASP A 637 15.89 -0.69 24.01
N TRP A 638 14.66 -0.23 23.85
CA TRP A 638 14.29 0.61 22.70
C TRP A 638 14.85 2.02 22.90
N LYS A 639 16.04 2.24 22.36
CA LYS A 639 16.87 3.41 22.69
C LYS A 639 16.68 4.60 21.75
N TYR A 640 16.53 4.35 20.45
CA TYR A 640 16.39 5.43 19.48
C TYR A 640 15.08 5.37 18.71
N HIS A 641 14.39 6.50 18.63
CA HIS A 641 13.16 6.62 17.83
C HIS A 641 13.43 7.62 16.70
N TYR A 642 13.33 7.17 15.46
CA TYR A 642 13.48 8.08 14.32
C TYR A 642 12.12 8.43 13.69
N ASP A 643 11.82 9.71 13.67
CA ASP A 643 10.59 10.29 13.13
C ASP A 643 10.68 10.23 11.58
N ILE A 644 9.95 9.31 10.94
CA ILE A 644 9.97 9.21 9.46
C ILE A 644 9.51 10.50 8.74
N ASP A 645 8.43 11.08 9.27
CA ASP A 645 7.91 12.37 8.84
C ASP A 645 7.06 12.84 10.02
N LEU A 646 6.32 13.94 9.86
CA LEU A 646 5.56 14.53 10.99
C LEU A 646 4.68 13.53 11.73
N PRO A 647 4.48 13.76 13.06
CA PRO A 647 3.58 12.91 13.85
C PRO A 647 2.16 12.86 13.27
N SER A 648 1.73 13.92 12.60
CA SER A 648 0.37 13.99 12.09
C SER A 648 0.24 13.48 10.64
N TYR A 649 1.37 13.21 9.99
CA TYR A 649 1.37 12.71 8.60
C TYR A 649 1.27 11.18 8.59
N GLY A 650 0.56 10.65 7.59
CA GLY A 650 0.21 9.25 7.54
C GLY A 650 1.36 8.27 7.39
N TYR A 651 1.22 7.14 8.08
CA TYR A 651 2.19 6.06 7.97
C TYR A 651 1.49 4.80 8.36
N ALA A 652 1.47 3.80 7.48
CA ALA A 652 0.73 2.57 7.81
C ALA A 652 1.56 1.29 7.66
N TYR A 653 1.15 0.39 6.78
CA TYR A 653 1.92 -0.84 6.57
C TYR A 653 3.31 -0.48 6.05
N SER A 654 4.32 -1.28 6.40
CA SER A 654 5.67 -0.90 6.03
C SER A 654 6.56 -2.10 5.80
N ALA A 655 7.64 -1.85 5.07
CA ALA A 655 8.63 -2.88 4.80
C ALA A 655 10.00 -2.26 5.03
N ILE A 656 10.86 -3.00 5.72
CA ILE A 656 12.22 -2.51 5.95
CA ILE A 656 12.21 -2.52 6.00
C ILE A 656 13.24 -3.60 5.64
N THR A 657 14.39 -3.19 5.10
CA THR A 657 15.44 -4.16 4.86
C THR A 657 16.80 -3.48 5.02
N GLU A 658 17.78 -4.25 5.46
CA GLU A 658 19.16 -3.76 5.45
C GLU A 658 19.69 -3.94 4.02
N LEU A 659 20.01 -2.82 3.38
CA LEU A 659 20.54 -2.86 2.03
C LEU A 659 21.97 -3.42 2.10
N PRO A 660 22.49 -3.93 0.97
CA PRO A 660 23.84 -4.51 0.97
C PRO A 660 24.93 -3.54 1.48
N ASN A 661 24.71 -2.25 1.37
CA ASN A 661 25.72 -1.27 1.76
C ASN A 661 25.51 -0.82 3.20
N HIS A 662 24.59 -1.49 3.89
CA HIS A 662 24.26 -1.26 5.30
C HIS A 662 23.36 -0.05 5.53
N HIS A 663 22.91 0.62 4.46
CA HIS A 663 21.81 1.58 4.59
C HIS A 663 20.53 0.80 4.89
N ILE A 664 19.48 1.53 5.26
CA ILE A 664 18.18 0.91 5.51
C ILE A 664 17.18 1.35 4.43
N GLY A 665 16.58 0.39 3.73
CA GLY A 665 15.52 0.70 2.79
C GLY A 665 14.16 0.60 3.46
N VAL A 666 13.29 1.57 3.22
CA VAL A 666 11.93 1.55 3.77
C VAL A 666 10.90 1.79 2.68
N LEU A 667 10.01 0.82 2.48
CA LEU A 667 8.88 0.98 1.55
C LEU A 667 7.61 0.92 2.38
N PHE A 668 6.79 1.98 2.33
CA PHE A 668 5.69 2.12 3.27
C PHE A 668 4.49 2.83 2.69
N GLU A 669 3.30 2.51 3.21
CA GLU A 669 2.11 3.28 2.89
C GLU A 669 2.18 4.64 3.56
N LYS A 670 2.46 5.70 2.80
CA LYS A 670 2.50 7.03 3.37
C LYS A 670 1.10 7.68 3.41
N TYR A 671 0.20 7.05 4.16
CA TYR A 671 -1.14 7.59 4.34
C TYR A 671 -1.85 6.75 5.38
N ASP A 672 -3.01 7.18 5.80
CA ASP A 672 -3.75 6.39 6.78
C ASP A 672 -4.62 5.37 6.05
N SER A 673 -4.15 4.13 5.96
CA SER A 673 -4.86 3.12 5.18
C SER A 673 -6.02 2.50 5.97
N TRP A 674 -6.31 3.06 7.14
CA TRP A 674 -7.52 2.65 7.88
C TRP A 674 -8.64 3.65 7.62
N SER A 675 -8.28 4.93 7.64
CA SER A 675 -9.24 6.03 7.53
C SER A 675 -10.14 5.89 6.32
N ARG A 676 -11.44 6.04 6.55
CA ARG A 676 -12.41 6.03 5.46
C ARG A 676 -12.36 7.31 4.62
N ASN A 677 -11.48 8.25 4.98
CA ASN A 677 -11.36 9.49 4.22
C ASN A 677 -10.19 9.44 3.25
N GLU A 678 -9.34 8.43 3.39
CA GLU A 678 -8.11 8.35 2.59
C GLU A 678 -8.07 7.08 1.71
N LEU A 679 -9.25 6.59 1.35
CA LEU A 679 -9.36 5.47 0.43
C LEU A 679 -8.95 5.90 -0.97
N HIS A 680 -8.44 4.95 -1.75
CA HIS A 680 -8.30 5.15 -3.20
C HIS A 680 -7.41 6.35 -3.56
N LEU A 681 -6.24 6.41 -2.93
CA LEU A 681 -5.22 7.41 -3.28
C LEU A 681 -4.13 6.76 -4.13
N SER A 682 -3.65 7.47 -5.14
CA SER A 682 -2.59 6.93 -5.98
CA SER A 682 -2.58 6.99 -6.03
C SER A 682 -1.19 7.39 -5.54
N ASN A 683 -0.22 6.48 -5.70
CA ASN A 683 1.18 6.80 -5.43
C ASN A 683 1.49 7.30 -4.01
N VAL A 684 0.96 6.59 -3.01
CA VAL A 684 1.24 6.90 -1.60
C VAL A 684 2.13 5.84 -0.96
N VAL A 685 2.29 4.70 -1.62
CA VAL A 685 3.32 3.73 -1.22
C VAL A 685 4.66 4.19 -1.77
N GLN A 686 5.56 4.57 -0.87
CA GLN A 686 6.80 5.23 -1.27
C GLN A 686 8.01 4.64 -0.57
N TYR A 687 9.17 4.82 -1.18
CA TYR A 687 10.43 4.24 -0.72
C TYR A 687 11.45 5.32 -0.36
N ILE A 688 12.12 5.14 0.78
CA ILE A 688 13.20 6.05 1.17
C ILE A 688 14.47 5.28 1.55
N ASP A 689 15.62 5.95 1.49
CA ASP A 689 16.90 5.37 1.88
C ASP A 689 17.39 6.10 3.13
N LEU A 690 17.78 5.35 4.15
CA LEU A 690 18.30 5.94 5.38
C LEU A 690 19.63 5.31 5.79
N GLU A 691 20.42 6.07 6.54
CA GLU A 691 21.65 5.54 7.13
C GLU A 691 21.45 5.46 8.63
N ILE A 692 22.19 4.56 9.28
CA ILE A 692 22.03 4.31 10.70
C ILE A 692 22.23 5.57 11.52
N ASN A 693 23.16 6.43 11.09
CA ASN A 693 23.40 7.68 11.79
C ASN A 693 22.22 8.65 11.72
N ASP A 694 21.37 8.49 10.70
CA ASP A 694 20.13 9.28 10.62
C ASP A 694 19.20 8.89 11.76
N LEU A 695 19.20 7.60 12.10
CA LEU A 695 18.27 7.08 13.09
C LEU A 695 18.67 7.40 14.54
N THR A 696 19.97 7.44 14.81
CA THR A 696 20.48 7.61 16.18
C THR A 696 20.82 9.05 16.54
#